data_6FIG
#
_entry.id   6FIG
#
_cell.length_a   53.991
_cell.length_b   68.745
_cell.length_c   70.046
_cell.angle_alpha   88.54
_cell.angle_beta   74.93
_cell.angle_gamma   71.74
#
_symmetry.space_group_name_H-M   'P 1'
#
loop_
_entity.id
_entity.type
_entity.pdbx_description
1 polymer 'Receptor-like protein kinase ANXUR1'
2 branched 2-acetamido-2-deoxy-beta-D-glucopyranose-(1-4)-2-acetamido-2-deoxy-beta-D-glucopyranose
3 branched 2-acetamido-2-deoxy-beta-D-glucopyranose-(1-4)-[alpha-L-fucopyranose-(1-6)]2-acetamido-2-deoxy-beta-D-glucopyranose
4 non-polymer 'CALCIUM ION'
5 non-polymer 1,2-ETHANEDIOL
6 non-polymer 2-acetamido-2-deoxy-beta-D-glucopyranose
7 non-polymer 'CITRIC ACID'
8 water water
#
_entity_poly.entity_id   1
_entity_poly.type   'polypeptide(L)'
_entity_poly.pdbx_seq_one_letter_code
;GQDLALSCGTSEASADQDKKKWEPDTKFLKTGNSIHATATYQDPSLLSTVPYMTARIFTAPATYEIPIKGDKRHLLRLYF
YPSTYTGLNISNSYFTVEANDVTLLSNFSAAITCQALTQAYLVKEYSLAPTDKDVLSIKFTPSDKYRDAFAFINGIEVIQ
MPELFDTAALVGFTDQTMDAKTANLQSMFRLNVGGQDIPGSQDSGGLTRTWYNDAPYIFSAGLGVTLQASNNFRINYQNM
PVSIAPADIYKTARSQGPNGDINLKSNLTWMFQIDKNFTYILRLHFCEFQLSKINQKVFNIYINNRTAQADTTPADIIGW
TGEKGIPMYKDYAIYVDANNGGEEITLQMTPSTFGQPEYYDSSLNGLEIFKMDTMKNLAGPNPEPSPMQAEEEVKKEFKN
EKRHLEGSENLYFQ
;
_entity_poly.pdbx_strand_id   A,B
#
# COMPACT_ATOMS: atom_id res chain seq x y z
N GLY A 1 13.25 7.83 2.44
CA GLY A 1 13.56 6.52 1.79
C GLY A 1 12.40 5.61 1.47
N GLN A 2 11.22 6.19 1.23
CA GLN A 2 10.03 5.41 0.89
C GLN A 2 10.03 4.89 -0.55
N ASP A 3 9.07 4.01 -0.85
CA ASP A 3 8.85 3.56 -2.22
C ASP A 3 8.44 4.75 -3.09
N LEU A 4 8.91 4.76 -4.33
CA LEU A 4 8.65 5.81 -5.30
C LEU A 4 8.03 5.28 -6.57
N ALA A 5 7.11 6.07 -7.15
CA ALA A 5 6.64 5.86 -8.49
C ALA A 5 6.72 7.23 -9.15
N LEU A 6 7.77 7.41 -9.95
CA LEU A 6 8.10 8.68 -10.56
C LEU A 6 7.69 8.67 -12.02
N SER A 7 6.82 9.61 -12.40
CA SER A 7 6.47 9.76 -13.81
C SER A 7 7.35 10.85 -14.34
N CYS A 8 8.33 10.48 -15.14
CA CYS A 8 9.36 11.39 -15.58
C CYS A 8 8.76 12.35 -16.59
N GLY A 9 9.08 13.63 -16.44
CA GLY A 9 8.59 14.68 -17.31
C GLY A 9 7.27 15.32 -16.91
N THR A 10 6.75 14.96 -15.74
CA THR A 10 5.52 15.57 -15.22
C THR A 10 5.87 16.62 -14.19
N SER A 11 4.92 17.52 -13.96
CA SER A 11 5.04 18.53 -12.92
C SER A 11 3.88 18.50 -11.91
N GLU A 12 2.96 17.55 -12.06
CA GLU A 12 1.82 17.39 -11.15
C GLU A 12 1.71 15.91 -10.80
N ALA A 13 1.14 15.63 -9.63
CA ALA A 13 0.83 14.25 -9.25
C ALA A 13 -0.17 13.67 -10.24
N SER A 14 -0.03 12.38 -10.53
CA SER A 14 -0.90 11.70 -11.49
C SER A 14 -1.21 10.29 -10.97
N ALA A 15 -2.21 9.66 -11.58
CA ALA A 15 -2.58 8.28 -11.22
C ALA A 15 -2.95 7.55 -12.48
N ASP A 16 -2.62 6.26 -12.55
CA ASP A 16 -2.91 5.44 -13.74
C ASP A 16 -4.26 4.69 -13.63
N GLN A 17 -4.55 3.84 -14.62
CA GLN A 17 -5.82 3.08 -14.70
C GLN A 17 -5.98 2.04 -13.58
N ASP A 18 -4.88 1.65 -12.95
CA ASP A 18 -4.90 0.66 -11.87
C ASP A 18 -4.72 1.34 -10.50
N LYS A 19 -5.03 2.64 -10.45
CA LYS A 19 -5.02 3.46 -9.24
C LYS A 19 -3.66 3.64 -8.57
N LYS A 20 -2.57 3.35 -9.28
CA LYS A 20 -1.24 3.60 -8.76
C LYS A 20 -0.99 5.11 -8.80
N LYS A 21 -0.48 5.65 -7.69
CA LYS A 21 -0.17 7.08 -7.56
CA LYS A 21 -0.18 7.08 -7.60
C LYS A 21 1.23 7.32 -8.09
N TRP A 22 1.40 8.34 -8.93
CA TRP A 22 2.71 8.72 -9.46
C TRP A 22 2.99 10.19 -9.12
N GLU A 23 4.27 10.52 -9.02
CA GLU A 23 4.70 11.88 -8.75
C GLU A 23 5.80 12.30 -9.71
N PRO A 24 6.06 13.63 -9.83
CA PRO A 24 7.17 14.06 -10.66
C PRO A 24 8.53 13.52 -10.22
N ASP A 25 9.42 13.33 -11.18
CA ASP A 25 10.76 12.82 -10.91
C ASP A 25 11.76 13.89 -10.47
N THR A 26 11.34 15.16 -10.55
CA THR A 26 12.22 16.32 -10.46
C THR A 26 13.19 16.34 -9.27
N LYS A 27 12.66 16.14 -8.07
CA LYS A 27 13.44 16.17 -6.84
C LYS A 27 14.58 15.14 -6.79
N PHE A 28 14.47 14.06 -7.57
CA PHE A 28 15.44 13.00 -7.51
C PHE A 28 16.51 13.06 -8.58
N LEU A 29 16.38 13.99 -9.54
CA LEU A 29 17.38 14.13 -10.58
C LEU A 29 18.56 14.90 -9.98
N LYS A 30 19.76 14.33 -10.00
CA LYS A 30 20.94 14.83 -9.27
C LYS A 30 22.00 15.52 -10.15
N THR A 31 22.36 14.91 -11.27
CA THR A 31 23.41 15.43 -12.17
C THR A 31 22.90 15.42 -13.60
N GLY A 32 23.39 16.35 -14.40
CA GLY A 32 23.05 16.44 -15.81
C GLY A 32 21.97 17.47 -16.09
N ASN A 33 21.68 17.64 -17.37
CA ASN A 33 20.63 18.53 -17.85
C ASN A 33 19.66 17.67 -18.61
N SER A 34 18.42 18.14 -18.71
CA SER A 34 17.37 17.37 -19.35
C SER A 34 16.19 18.27 -19.51
N ILE A 35 15.26 17.89 -20.36
CA ILE A 35 13.98 18.57 -20.47
C ILE A 35 12.83 17.58 -20.44
N HIS A 36 11.67 18.10 -20.05
CA HIS A 36 10.39 17.38 -20.12
CA HIS A 36 10.45 17.31 -20.12
C HIS A 36 9.97 17.28 -21.58
N ALA A 37 9.30 16.20 -21.94
CA ALA A 37 8.72 16.06 -23.26
C ALA A 37 7.44 15.28 -23.18
N THR A 38 6.49 15.62 -24.05
CA THR A 38 5.25 14.88 -24.17
C THR A 38 5.24 14.18 -25.52
N ALA A 39 4.82 12.92 -25.51
CA ALA A 39 4.74 12.11 -26.74
C ALA A 39 3.72 12.73 -27.70
N THR A 40 4.03 12.68 -29.00
CA THR A 40 3.14 13.23 -30.04
C THR A 40 1.87 12.39 -30.28
N TYR A 41 1.92 11.11 -29.93
CA TYR A 41 0.89 10.14 -30.31
C TYR A 41 0.57 9.23 -29.12
N GLN A 42 -0.72 9.00 -28.88
CA GLN A 42 -1.21 8.06 -27.88
C GLN A 42 -1.63 6.78 -28.58
N ASP A 43 -0.77 5.75 -28.47
CA ASP A 43 -1.07 4.44 -29.04
C ASP A 43 -2.35 3.86 -28.39
N PRO A 44 -3.30 3.35 -29.20
CA PRO A 44 -4.54 2.78 -28.61
C PRO A 44 -4.37 1.59 -27.69
N SER A 45 -3.22 0.89 -27.74
CA SER A 45 -2.92 -0.16 -26.78
C SER A 45 -2.54 0.31 -25.37
N LEU A 46 -2.25 1.61 -25.18
CA LEU A 46 -1.92 2.13 -23.85
C LEU A 46 -3.16 2.12 -22.93
N LEU A 47 -3.00 1.51 -21.75
CA LEU A 47 -4.07 1.43 -20.75
C LEU A 47 -4.25 2.77 -20.06
N SER A 48 -3.16 3.54 -19.98
CA SER A 48 -3.14 4.85 -19.33
C SER A 48 -2.19 5.79 -20.06
N THR A 49 -2.39 7.09 -19.90
CA THR A 49 -1.39 8.09 -20.30
C THR A 49 -0.28 8.22 -19.23
N VAL A 50 -0.46 7.58 -18.06
CA VAL A 50 0.46 7.68 -16.92
C VAL A 50 1.19 6.34 -16.75
N PRO A 51 2.53 6.28 -16.78
CA PRO A 51 3.47 7.40 -16.94
C PRO A 51 3.87 7.64 -18.41
N TYR A 52 3.28 6.89 -19.33
CA TYR A 52 3.84 6.72 -20.68
C TYR A 52 3.88 7.96 -21.59
N MET A 53 2.94 8.89 -21.48
CA MET A 53 2.86 10.00 -22.43
C MET A 53 3.83 11.14 -22.12
N THR A 54 4.55 11.06 -21.01
CA THR A 54 5.51 12.08 -20.64
C THR A 54 6.85 11.43 -20.43
N ALA A 55 7.92 12.11 -20.83
CA ALA A 55 9.26 11.58 -20.69
C ALA A 55 10.20 12.67 -20.26
N ARG A 56 11.34 12.24 -19.74
CA ARG A 56 12.49 13.09 -19.62
C ARG A 56 13.48 12.62 -20.68
N ILE A 57 14.13 13.56 -21.35
CA ILE A 57 15.04 13.27 -22.46
C ILE A 57 16.46 13.73 -22.04
N PHE A 58 17.44 12.83 -22.19
CA PHE A 58 18.83 13.08 -21.84
C PHE A 58 19.68 13.04 -23.10
N THR A 59 20.39 14.13 -23.40
CA THR A 59 21.33 14.14 -24.54
C THR A 59 22.79 14.04 -24.10
N ALA A 60 22.99 13.87 -22.80
CA ALA A 60 24.29 13.57 -22.22
C ALA A 60 23.98 12.82 -20.91
N PRO A 61 25.02 12.28 -20.24
CA PRO A 61 24.70 11.48 -19.07
C PRO A 61 23.95 12.24 -17.98
N ALA A 62 23.14 11.51 -17.23
CA ALA A 62 22.36 12.09 -16.15
C ALA A 62 22.13 11.02 -15.11
N THR A 63 22.05 11.43 -13.85
CA THR A 63 21.88 10.47 -12.74
C THR A 63 20.74 10.92 -11.84
N TYR A 64 19.91 9.94 -11.44
CA TYR A 64 18.99 10.07 -10.32
C TYR A 64 19.65 9.50 -9.06
N GLU A 65 19.33 10.08 -7.91
CA GLU A 65 19.71 9.54 -6.62
C GLU A 65 18.45 9.35 -5.78
N ILE A 66 18.19 8.09 -5.40
CA ILE A 66 16.97 7.75 -4.69
C ILE A 66 17.33 7.18 -3.33
N PRO A 67 16.79 7.77 -2.23
CA PRO A 67 17.10 7.21 -0.93
C PRO A 67 16.53 5.80 -0.74
N ILE A 68 17.35 4.90 -0.19
CA ILE A 68 16.94 3.53 0.07
C ILE A 68 17.57 3.04 1.37
N LYS A 69 17.00 1.97 1.91
CA LYS A 69 17.66 1.20 2.97
C LYS A 69 18.69 0.27 2.33
N GLY A 70 19.95 0.44 2.71
CA GLY A 70 21.04 -0.31 2.11
C GLY A 70 21.10 -1.80 2.39
N ASP A 71 20.42 -2.23 3.45
CA ASP A 71 20.41 -3.63 3.81
C ASP A 71 19.21 -4.39 3.21
N LYS A 72 18.43 -3.74 2.35
CA LYS A 72 17.21 -4.33 1.79
C LYS A 72 17.31 -4.49 0.29
N ARG A 73 16.58 -5.48 -0.21
CA ARG A 73 16.43 -5.72 -1.62
C ARG A 73 15.38 -4.78 -2.19
N HIS A 74 15.53 -4.40 -3.46
CA HIS A 74 14.57 -3.51 -4.14
C HIS A 74 14.15 -4.01 -5.48
N LEU A 75 12.88 -3.80 -5.80
CA LEU A 75 12.44 -3.83 -7.17
C LEU A 75 12.68 -2.47 -7.81
N LEU A 76 13.21 -2.49 -9.01
CA LEU A 76 13.39 -1.29 -9.83
C LEU A 76 12.67 -1.54 -11.11
N ARG A 77 11.76 -0.65 -11.49
CA ARG A 77 11.11 -0.72 -12.77
C ARG A 77 11.41 0.51 -13.60
N LEU A 78 11.64 0.29 -14.87
CA LEU A 78 11.88 1.36 -15.84
C LEU A 78 10.82 1.24 -16.93
N TYR A 79 10.09 2.32 -17.15
CA TYR A 79 8.98 2.37 -18.12
C TYR A 79 9.42 3.17 -19.33
N PHE A 80 9.20 2.60 -20.52
CA PHE A 80 9.57 3.23 -21.77
C PHE A 80 8.41 3.20 -22.77
N TYR A 81 8.18 4.34 -23.40
CA TYR A 81 7.18 4.48 -24.47
C TYR A 81 7.88 5.16 -25.67
N PRO A 82 8.44 4.38 -26.62
CA PRO A 82 9.10 5.02 -27.74
C PRO A 82 8.11 5.81 -28.60
N SER A 83 8.46 7.06 -28.88
CA SER A 83 7.64 7.97 -29.69
C SER A 83 8.52 9.15 -30.08
N THR A 84 7.95 10.11 -30.79
CA THR A 84 8.69 11.32 -31.14
C THR A 84 8.59 12.29 -29.96
N TYR A 85 9.75 12.62 -29.39
CA TYR A 85 9.86 13.59 -28.31
C TYR A 85 10.72 14.74 -28.80
N THR A 86 10.22 15.96 -28.64
CA THR A 86 10.94 17.21 -28.99
C THR A 86 11.61 17.16 -30.38
N GLY A 87 10.89 16.61 -31.34
CA GLY A 87 11.38 16.47 -32.72
C GLY A 87 12.48 15.45 -32.97
N LEU A 88 12.88 14.69 -31.95
CA LEU A 88 13.98 13.72 -32.12
C LEU A 88 13.46 12.45 -32.76
N ASN A 89 14.34 11.76 -33.50
CA ASN A 89 14.03 10.49 -34.15
C ASN A 89 14.30 9.40 -33.12
N ILE A 90 13.25 8.74 -32.63
CA ILE A 90 13.38 7.67 -31.63
C ILE A 90 14.28 6.51 -32.07
N SER A 91 14.42 6.28 -33.37
CA SER A 91 15.37 5.28 -33.90
C SER A 91 16.84 5.59 -33.59
N ASN A 92 17.15 6.83 -33.22
CA ASN A 92 18.51 7.22 -32.82
C ASN A 92 18.79 6.95 -31.36
N SER A 93 17.76 6.60 -30.59
CA SER A 93 17.95 6.38 -29.16
C SER A 93 18.60 5.02 -28.88
N TYR A 94 19.81 5.08 -28.34
CA TYR A 94 20.55 3.94 -27.86
C TYR A 94 21.20 4.41 -26.58
N PHE A 95 21.03 3.68 -25.49
CA PHE A 95 21.64 4.09 -24.22
C PHE A 95 21.86 2.98 -23.22
N THR A 96 22.63 3.33 -22.18
CA THR A 96 22.95 2.45 -21.10
C THR A 96 22.23 2.95 -19.86
N VAL A 97 21.81 2.01 -19.02
CA VAL A 97 21.32 2.36 -17.68
C VAL A 97 22.05 1.47 -16.69
N GLU A 98 22.53 2.10 -15.63
CA GLU A 98 23.21 1.44 -14.53
C GLU A 98 22.53 1.79 -13.24
N ALA A 99 22.48 0.84 -12.31
CA ALA A 99 21.94 1.07 -10.96
C ALA A 99 23.04 0.68 -10.01
N ASN A 100 23.61 1.69 -9.37
CA ASN A 100 24.86 1.57 -8.67
C ASN A 100 25.90 0.88 -9.60
N ASP A 101 26.44 -0.25 -9.20
CA ASP A 101 27.45 -0.93 -9.99
C ASP A 101 26.87 -2.02 -10.94
N VAL A 102 25.55 -2.06 -11.13
CA VAL A 102 24.89 -3.11 -11.94
C VAL A 102 24.48 -2.49 -13.28
N THR A 103 24.95 -3.04 -14.39
CA THR A 103 24.48 -2.61 -15.70
C THR A 103 23.18 -3.33 -16.04
N LEU A 104 22.12 -2.56 -16.26
CA LEU A 104 20.79 -3.09 -16.56
C LEU A 104 20.56 -3.16 -18.04
N LEU A 105 20.87 -2.06 -18.73
CA LEU A 105 20.63 -1.92 -20.14
C LEU A 105 21.88 -1.36 -20.79
N SER A 106 22.19 -1.77 -22.02
CA SER A 106 23.40 -1.35 -22.71
C SER A 106 23.11 -1.38 -24.20
N ASN A 107 23.39 -0.29 -24.90
CA ASN A 107 23.02 -0.15 -26.31
C ASN A 107 21.54 -0.42 -26.56
N PHE A 108 20.71 0.00 -25.62
CA PHE A 108 19.29 -0.34 -25.58
C PHE A 108 18.48 0.52 -26.52
N SER A 109 17.76 -0.14 -27.44
CA SER A 109 16.83 0.51 -28.35
C SER A 109 15.43 0.11 -27.95
N ALA A 110 14.72 1.04 -27.32
CA ALA A 110 13.32 0.84 -26.99
C ALA A 110 12.47 0.64 -28.25
N ALA A 111 12.80 1.39 -29.30
CA ALA A 111 12.05 1.34 -30.57
C ALA A 111 12.11 -0.07 -31.16
N ILE A 112 13.33 -0.60 -31.31
CA ILE A 112 13.53 -1.95 -31.86
C ILE A 112 12.91 -3.03 -30.98
N THR A 113 13.08 -2.91 -29.67
CA THR A 113 12.51 -3.88 -28.74
C THR A 113 10.99 -3.92 -28.85
N CYS A 114 10.37 -2.73 -28.89
CA CYS A 114 8.91 -2.60 -29.05
C CYS A 114 8.40 -3.20 -30.36
N GLN A 115 9.12 -2.93 -31.45
CA GLN A 115 8.76 -3.49 -32.76
C GLN A 115 8.80 -5.03 -32.74
N ALA A 116 9.87 -5.59 -32.18
CA ALA A 116 10.01 -7.06 -32.07
C ALA A 116 8.93 -7.72 -31.24
N LEU A 117 8.53 -7.08 -30.15
CA LEU A 117 7.46 -7.59 -29.27
C LEU A 117 6.03 -7.34 -29.75
N THR A 118 5.84 -6.52 -30.79
CA THR A 118 4.52 -5.99 -31.16
C THR A 118 3.80 -5.39 -29.94
N GLN A 119 4.54 -4.57 -29.21
CA GLN A 119 4.04 -3.90 -28.01
C GLN A 119 4.49 -2.45 -28.12
N ALA A 120 3.63 -1.50 -27.79
CA ALA A 120 3.96 -0.08 -27.92
C ALA A 120 4.72 0.51 -26.73
N TYR A 121 4.82 -0.24 -25.64
CA TYR A 121 5.50 0.19 -24.41
C TYR A 121 6.24 -0.99 -23.76
N LEU A 122 7.19 -0.68 -22.89
CA LEU A 122 7.99 -1.70 -22.18
C LEU A 122 8.09 -1.34 -20.71
N VAL A 123 8.08 -2.36 -19.86
CA VAL A 123 8.41 -2.19 -18.46
C VAL A 123 9.54 -3.20 -18.17
N LYS A 124 10.72 -2.69 -17.87
CA LYS A 124 11.85 -3.50 -17.47
C LYS A 124 11.82 -3.57 -15.96
N GLU A 125 11.91 -4.75 -15.37
CA GLU A 125 11.85 -4.89 -13.94
C GLU A 125 13.05 -5.69 -13.46
N TYR A 126 13.67 -5.20 -12.40
CA TYR A 126 14.86 -5.80 -11.82
C TYR A 126 14.67 -5.95 -10.33
N SER A 127 15.33 -6.95 -9.75
CA SER A 127 15.40 -7.11 -8.31
C SER A 127 16.86 -7.00 -7.92
N LEU A 128 17.16 -5.92 -7.21
CA LEU A 128 18.54 -5.53 -6.89
C LEU A 128 18.90 -5.99 -5.49
N ALA A 129 19.97 -6.77 -5.37
CA ALA A 129 20.44 -7.19 -4.06
C ALA A 129 20.85 -6.00 -3.18
N PRO A 130 20.83 -6.20 -1.85
CA PRO A 130 21.24 -5.11 -0.95
C PRO A 130 22.62 -4.56 -1.33
N THR A 131 22.71 -3.24 -1.33
CA THR A 131 23.87 -2.44 -1.76
C THR A 131 24.77 -2.02 -0.61
N ASP A 132 24.29 -2.11 0.64
CA ASP A 132 24.90 -1.42 1.79
C ASP A 132 25.20 0.08 1.56
N LYS A 133 24.36 0.70 0.73
CA LYS A 133 24.43 2.11 0.43
C LYS A 133 23.04 2.66 0.61
N ASP A 134 22.95 3.86 1.18
CA ASP A 134 21.66 4.49 1.46
C ASP A 134 21.12 5.30 0.26
N VAL A 135 21.83 5.26 -0.87
CA VAL A 135 21.36 5.91 -2.09
C VAL A 135 21.45 4.94 -3.26
N LEU A 136 20.39 4.87 -4.06
CA LEU A 136 20.40 4.16 -5.32
C LEU A 136 20.67 5.19 -6.41
N SER A 137 21.82 5.08 -7.06
CA SER A 137 22.19 5.93 -8.18
C SER A 137 21.83 5.29 -9.51
N ILE A 138 20.91 5.92 -10.27
CA ILE A 138 20.44 5.37 -11.53
C ILE A 138 20.97 6.29 -12.61
N LYS A 139 21.91 5.77 -13.40
CA LYS A 139 22.65 6.58 -14.38
C LYS A 139 22.22 6.22 -15.78
N PHE A 140 21.80 7.24 -16.55
CA PHE A 140 21.45 7.12 -17.94
C PHE A 140 22.57 7.69 -18.79
N THR A 141 23.14 6.89 -19.70
CA THR A 141 24.24 7.32 -20.54
C THR A 141 23.93 7.08 -22.00
N PRO A 142 23.66 8.15 -22.78
CA PRO A 142 23.49 8.00 -24.22
C PRO A 142 24.69 7.29 -24.85
N SER A 143 24.46 6.48 -25.87
CA SER A 143 25.54 5.79 -26.55
C SER A 143 26.57 6.79 -27.09
N ASP A 144 27.84 6.54 -26.81
CA ASP A 144 28.92 7.34 -27.38
C ASP A 144 29.35 6.85 -28.78
N LYS A 145 28.61 5.89 -29.36
CA LYS A 145 28.94 5.34 -30.68
C LYS A 145 28.13 5.96 -31.81
N TYR A 146 26.87 6.30 -31.56
CA TYR A 146 26.01 7.00 -32.54
C TYR A 146 25.91 8.46 -32.13
N ARG A 147 25.94 9.35 -33.10
CA ARG A 147 26.22 10.77 -32.84
C ARG A 147 25.01 11.57 -32.35
N ASP A 148 23.82 11.19 -32.84
CA ASP A 148 22.56 11.74 -32.37
C ASP A 148 21.90 10.77 -31.34
N ALA A 149 22.69 9.94 -30.65
CA ALA A 149 22.15 9.05 -29.60
C ALA A 149 21.67 9.88 -28.43
N PHE A 150 20.48 9.57 -27.93
CA PHE A 150 19.95 10.15 -26.71
C PHE A 150 19.27 9.07 -25.88
N ALA A 151 19.06 9.38 -24.62
CA ALA A 151 18.36 8.48 -23.70
C ALA A 151 17.04 9.10 -23.32
N PHE A 152 16.10 8.27 -22.89
CA PHE A 152 14.82 8.77 -22.41
C PHE A 152 14.28 7.81 -21.39
N ILE A 153 13.36 8.31 -20.59
CA ILE A 153 12.70 7.50 -19.56
C ILE A 153 11.30 8.09 -19.34
N ASN A 154 10.31 7.22 -19.20
CA ASN A 154 8.93 7.69 -18.93
C ASN A 154 8.52 7.52 -17.48
N GLY A 155 9.04 6.49 -16.83
CA GLY A 155 8.69 6.22 -15.45
C GLY A 155 9.75 5.40 -14.75
N ILE A 156 9.88 5.65 -13.45
CA ILE A 156 10.80 4.88 -12.58
C ILE A 156 10.05 4.49 -11.32
N GLU A 157 10.08 3.21 -10.95
CA GLU A 157 9.65 2.78 -9.60
C GLU A 157 10.79 2.12 -8.86
N VAL A 158 10.89 2.46 -7.59
CA VAL A 158 11.77 1.79 -6.63
C VAL A 158 10.93 1.35 -5.47
N ILE A 159 10.93 0.05 -5.19
CA ILE A 159 10.03 -0.58 -4.23
C ILE A 159 10.86 -1.51 -3.36
N GLN A 160 10.91 -1.26 -2.07
CA GLN A 160 11.56 -2.19 -1.13
C GLN A 160 10.81 -3.53 -1.15
N MET A 161 11.54 -4.65 -1.19
CA MET A 161 10.91 -5.97 -1.25
C MET A 161 11.61 -6.93 -0.32
N PRO A 162 10.90 -7.95 0.14
CA PRO A 162 11.56 -8.98 0.93
C PRO A 162 12.56 -9.82 0.11
N GLU A 163 13.37 -10.58 0.84
CA GLU A 163 14.31 -11.50 0.22
C GLU A 163 13.58 -12.75 -0.24
N LEU A 164 13.02 -12.68 -1.44
CA LEU A 164 12.15 -13.75 -1.93
C LEU A 164 12.92 -14.79 -2.74
N PHE A 165 14.26 -14.65 -2.81
CA PHE A 165 15.11 -15.52 -3.62
C PHE A 165 16.10 -16.25 -2.73
N ASP A 166 16.29 -17.53 -3.00
CA ASP A 166 17.30 -18.31 -2.29
C ASP A 166 17.95 -19.22 -3.35
N THR A 167 18.11 -20.51 -3.08
CA THR A 167 18.80 -21.37 -4.02
C THR A 167 17.83 -21.93 -5.07
N ALA A 168 18.40 -22.32 -6.20
CA ALA A 168 17.66 -22.96 -7.28
C ALA A 168 18.40 -24.21 -7.69
N ALA A 169 17.64 -25.26 -7.96
CA ALA A 169 18.21 -26.56 -8.35
C ALA A 169 18.66 -26.49 -9.80
N LEU A 170 19.93 -26.80 -10.06
CA LEU A 170 20.44 -26.79 -11.44
C LEU A 170 19.84 -27.98 -12.19
N VAL A 171 19.18 -27.67 -13.28
CA VAL A 171 18.48 -28.63 -14.11
C VAL A 171 19.47 -29.65 -14.69
N GLY A 172 19.04 -30.91 -14.74
CA GLY A 172 19.86 -31.96 -15.34
C GLY A 172 21.07 -32.38 -14.50
N PHE A 173 21.17 -31.84 -13.27
CA PHE A 173 22.17 -32.26 -12.28
C PHE A 173 21.38 -32.53 -11.02
N THR A 174 21.95 -33.29 -10.07
CA THR A 174 21.30 -33.52 -8.77
C THR A 174 22.20 -33.03 -7.65
N ASP A 175 21.60 -32.34 -6.68
CA ASP A 175 22.30 -31.71 -5.55
C ASP A 175 23.38 -30.70 -5.99
N GLN A 176 23.13 -30.01 -7.09
CA GLN A 176 23.92 -28.84 -7.47
C GLN A 176 22.93 -27.68 -7.49
N THR A 177 23.29 -26.58 -6.83
CA THR A 177 22.40 -25.40 -6.79
C THR A 177 23.12 -24.15 -7.21
N MET A 178 22.27 -23.20 -7.59
CA MET A 178 22.69 -21.82 -7.89
CA MET A 178 22.66 -21.85 -7.91
C MET A 178 22.15 -20.98 -6.75
N ASP A 179 22.98 -20.10 -6.20
CA ASP A 179 22.56 -19.20 -5.12
C ASP A 179 22.08 -17.85 -5.64
N ALA A 180 20.79 -17.54 -5.43
CA ALA A 180 20.22 -16.25 -5.87
C ALA A 180 20.02 -15.27 -4.72
N LYS A 181 20.35 -15.67 -3.49
CA LYS A 181 20.11 -14.80 -2.33
C LYS A 181 20.71 -13.41 -2.47
N THR A 182 21.91 -13.30 -3.06
CA THR A 182 22.57 -11.99 -3.23
C THR A 182 22.75 -11.65 -4.70
N ALA A 183 21.96 -12.26 -5.57
CA ALA A 183 22.02 -11.99 -6.99
C ALA A 183 21.19 -10.75 -7.33
N ASN A 184 21.56 -10.11 -8.42
CA ASN A 184 20.72 -9.12 -9.08
C ASN A 184 20.00 -9.84 -10.19
N LEU A 185 18.69 -9.65 -10.29
CA LEU A 185 17.87 -10.42 -11.21
C LEU A 185 17.09 -9.49 -12.09
N GLN A 186 16.82 -9.91 -13.30
CA GLN A 186 15.82 -9.26 -14.16
C GLN A 186 14.61 -10.19 -14.26
N SER A 187 13.43 -9.61 -14.06
CA SER A 187 12.17 -10.33 -14.25
C SER A 187 11.88 -10.43 -15.72
N MET A 188 11.90 -11.64 -16.27
CA MET A 188 11.69 -11.81 -17.69
C MET A 188 10.23 -12.06 -18.02
N PHE A 189 9.60 -12.95 -17.27
CA PHE A 189 8.19 -13.33 -17.46
C PHE A 189 7.59 -13.64 -16.10
N ARG A 190 6.31 -13.32 -15.98
CA ARG A 190 5.57 -13.56 -14.76
C ARG A 190 4.16 -13.88 -15.13
N LEU A 191 3.76 -15.14 -14.89
CA LEU A 191 2.51 -15.67 -15.42
C LEU A 191 1.59 -16.25 -14.37
N ASN A 192 0.31 -15.92 -14.50
CA ASN A 192 -0.75 -16.67 -13.82
C ASN A 192 -1.17 -17.78 -14.77
N VAL A 193 -0.67 -18.99 -14.48
CA VAL A 193 -0.93 -20.14 -15.34
C VAL A 193 -2.38 -20.61 -15.17
N GLY A 194 -3.09 -20.64 -16.29
CA GLY A 194 -4.49 -21.05 -16.32
C GLY A 194 -5.48 -20.02 -15.84
N GLY A 195 -5.04 -18.79 -15.54
CA GLY A 195 -5.93 -17.77 -14.99
C GLY A 195 -5.81 -16.47 -15.73
N GLN A 196 -6.67 -15.54 -15.35
CA GLN A 196 -6.71 -14.21 -15.96
C GLN A 196 -5.55 -13.36 -15.45
N ASP A 197 -5.21 -12.32 -16.21
CA ASP A 197 -4.25 -11.34 -15.75
C ASP A 197 -4.62 -10.87 -14.34
N ILE A 198 -3.61 -10.79 -13.48
CA ILE A 198 -3.74 -10.18 -12.17
C ILE A 198 -3.03 -8.82 -12.23
N PRO A 199 -3.78 -7.71 -12.08
CA PRO A 199 -3.18 -6.37 -12.11
C PRO A 199 -2.36 -6.14 -10.83
N GLY A 200 -1.41 -5.23 -10.91
CA GLY A 200 -0.56 -4.90 -9.77
C GLY A 200 -1.32 -4.52 -8.51
N SER A 201 -2.47 -3.88 -8.66
CA SER A 201 -3.30 -3.53 -7.51
C SER A 201 -3.77 -4.74 -6.69
N GLN A 202 -3.79 -5.93 -7.29
CA GLN A 202 -4.21 -7.14 -6.60
C GLN A 202 -3.04 -8.03 -6.16
N ASP A 203 -1.82 -7.59 -6.42
CA ASP A 203 -0.63 -8.37 -6.07
C ASP A 203 -0.43 -8.38 -4.56
N SER A 204 0.20 -9.45 -4.05
CA SER A 204 0.52 -9.56 -2.64
C SER A 204 1.83 -8.83 -2.32
N GLY A 205 2.11 -8.70 -1.01
CA GLY A 205 3.35 -8.02 -0.58
C GLY A 205 3.38 -6.53 -0.82
N GLY A 206 2.24 -5.94 -1.21
CA GLY A 206 2.21 -4.60 -1.84
C GLY A 206 3.21 -4.35 -2.96
N LEU A 207 3.60 -5.39 -3.71
CA LEU A 207 4.69 -5.28 -4.67
C LEU A 207 4.25 -4.84 -6.07
N THR A 208 2.94 -4.74 -6.27
CA THR A 208 2.33 -4.33 -7.54
C THR A 208 2.88 -4.98 -8.82
N ARG A 209 3.26 -6.25 -8.69
CA ARG A 209 3.62 -7.08 -9.84
C ARG A 209 2.37 -7.46 -10.63
N THR A 210 2.47 -7.43 -11.95
CA THR A 210 1.41 -7.90 -12.80
C THR A 210 1.68 -9.36 -13.14
N TRP A 211 0.66 -10.20 -13.01
CA TRP A 211 0.78 -11.63 -13.38
C TRP A 211 -0.07 -11.85 -14.64
N TYR A 212 0.55 -12.25 -15.73
CA TYR A 212 -0.14 -12.32 -17.03
C TYR A 212 -0.62 -13.72 -17.35
N ASN A 213 -1.74 -13.81 -18.05
CA ASN A 213 -2.20 -15.11 -18.53
C ASN A 213 -1.11 -15.78 -19.38
N ASP A 214 -1.00 -17.11 -19.23
CA ASP A 214 0.08 -17.88 -19.87
C ASP A 214 -0.18 -18.35 -21.29
N ALA A 215 -1.42 -18.24 -21.78
CA ALA A 215 -1.81 -18.82 -23.07
C ALA A 215 -0.92 -18.44 -24.25
N PRO A 216 -0.46 -17.17 -24.30
CA PRO A 216 0.40 -16.77 -25.43
C PRO A 216 1.74 -17.52 -25.53
N TYR A 217 2.16 -18.14 -24.44
CA TYR A 217 3.44 -18.83 -24.37
C TYR A 217 3.35 -20.33 -24.59
N ILE A 218 2.16 -20.86 -24.83
CA ILE A 218 2.00 -22.31 -25.02
C ILE A 218 2.28 -22.64 -26.46
N PHE A 219 3.19 -23.59 -26.66
CA PHE A 219 3.56 -24.06 -28.00
C PHE A 219 3.29 -25.51 -28.29
N SER A 220 2.75 -26.25 -27.32
CA SER A 220 2.21 -27.57 -27.62
C SER A 220 0.91 -27.38 -28.41
N ALA A 221 0.56 -28.38 -29.22
CA ALA A 221 -0.68 -28.33 -30.01
C ALA A 221 -1.90 -28.28 -29.09
N GLY A 222 -1.84 -29.04 -27.99
CA GLY A 222 -2.83 -28.96 -26.94
C GLY A 222 -2.50 -27.83 -25.99
N LEU A 223 -3.50 -27.01 -25.68
CA LEU A 223 -3.40 -26.01 -24.60
C LEU A 223 -3.86 -26.58 -23.26
N GLY A 224 -4.30 -27.82 -23.25
CA GLY A 224 -4.69 -28.46 -22.01
C GLY A 224 -6.04 -27.98 -21.56
N VAL A 225 -6.26 -28.07 -20.25
CA VAL A 225 -7.55 -27.77 -19.63
C VAL A 225 -7.23 -26.84 -18.47
N THR A 226 -7.87 -25.67 -18.46
CA THR A 226 -7.70 -24.75 -17.34
C THR A 226 -8.69 -25.12 -16.23
N LEU A 227 -8.22 -24.98 -14.99
CA LEU A 227 -8.95 -25.36 -13.80
C LEU A 227 -9.08 -24.14 -12.90
N GLN A 228 -10.19 -24.08 -12.16
CA GLN A 228 -10.38 -23.05 -11.15
C GLN A 228 -10.89 -23.67 -9.86
N ALA A 229 -10.36 -23.18 -8.74
CA ALA A 229 -10.76 -23.67 -7.45
C ALA A 229 -12.20 -23.26 -7.20
N SER A 230 -12.86 -24.01 -6.34
CA SER A 230 -14.26 -23.76 -6.03
C SER A 230 -14.41 -22.41 -5.35
N ASN A 231 -15.63 -21.90 -5.37
CA ASN A 231 -15.98 -20.67 -4.65
C ASN A 231 -15.63 -20.86 -3.17
N ASN A 232 -14.99 -19.85 -2.59
CA ASN A 232 -14.59 -19.86 -1.18
C ASN A 232 -13.52 -20.90 -0.82
N PHE A 233 -12.81 -21.44 -1.82
CA PHE A 233 -11.64 -22.26 -1.54
C PHE A 233 -10.56 -21.36 -0.93
N ARG A 234 -9.94 -21.80 0.17
CA ARG A 234 -8.93 -21.00 0.85
C ARG A 234 -7.54 -21.56 0.55
N ILE A 235 -6.63 -20.67 0.22
CA ILE A 235 -5.23 -20.98 0.05
C ILE A 235 -4.59 -20.88 1.43
N ASN A 236 -4.01 -21.98 1.87
CA ASN A 236 -3.42 -22.10 3.19
C ASN A 236 -1.89 -21.97 3.13
N TYR A 237 -1.40 -20.74 3.25
CA TYR A 237 0.03 -20.49 3.04
C TYR A 237 0.98 -21.17 4.06
N GLN A 238 0.52 -21.43 5.28
CA GLN A 238 1.41 -21.94 6.36
C GLN A 238 2.59 -20.97 6.59
N ASN A 239 3.85 -21.42 6.44
CA ASN A 239 4.99 -20.54 6.67
C ASN A 239 5.57 -20.00 5.38
N MET A 240 4.96 -20.28 4.22
CA MET A 240 5.38 -19.60 2.99
C MET A 240 4.93 -18.14 3.00
N PRO A 241 5.84 -17.19 2.73
CA PRO A 241 5.43 -15.80 2.75
C PRO A 241 4.35 -15.49 1.71
N VAL A 242 3.33 -14.72 2.12
CA VAL A 242 2.29 -14.32 1.17
C VAL A 242 2.84 -13.45 0.05
N SER A 243 3.96 -12.75 0.30
CA SER A 243 4.63 -11.96 -0.73
CA SER A 243 4.58 -11.94 -0.75
C SER A 243 5.14 -12.77 -1.91
N ILE A 244 5.28 -14.10 -1.76
CA ILE A 244 5.75 -14.91 -2.87
C ILE A 244 4.84 -14.76 -4.08
N ALA A 245 3.53 -14.84 -3.85
CA ALA A 245 2.56 -14.70 -4.95
C ALA A 245 1.17 -14.58 -4.34
N PRO A 246 0.28 -13.82 -4.98
CA PRO A 246 -1.05 -13.66 -4.46
C PRO A 246 -1.92 -14.90 -4.57
N ALA A 247 -2.94 -14.95 -3.71
CA ALA A 247 -3.78 -16.15 -3.61
C ALA A 247 -4.39 -16.56 -4.93
N ASP A 248 -4.76 -15.58 -5.75
CA ASP A 248 -5.39 -15.88 -7.03
C ASP A 248 -4.52 -16.69 -7.99
N ILE A 249 -3.19 -16.58 -7.90
CA ILE A 249 -2.31 -17.43 -8.69
C ILE A 249 -2.61 -18.91 -8.39
N TYR A 250 -2.71 -19.21 -7.11
CA TYR A 250 -2.87 -20.59 -6.64
C TYR A 250 -4.26 -21.15 -6.86
N LYS A 251 -5.25 -20.28 -7.09
CA LYS A 251 -6.64 -20.73 -7.31
C LYS A 251 -6.97 -21.10 -8.76
N THR A 252 -6.02 -20.95 -9.67
CA THR A 252 -6.18 -21.40 -11.04
C THR A 252 -4.95 -22.18 -11.47
N ALA A 253 -5.16 -23.09 -12.43
CA ALA A 253 -4.06 -23.87 -12.98
C ALA A 253 -4.35 -24.27 -14.42
N ARG A 254 -3.29 -24.62 -15.12
CA ARG A 254 -3.42 -25.30 -16.40
C ARG A 254 -3.01 -26.73 -16.15
N SER A 255 -3.78 -27.65 -16.69
CA SER A 255 -3.48 -29.08 -16.60
C SER A 255 -3.56 -29.69 -17.98
N GLN A 256 -3.20 -30.96 -18.10
CA GLN A 256 -3.33 -31.62 -19.40
C GLN A 256 -4.75 -32.04 -19.66
N GLY A 257 -5.43 -32.51 -18.63
CA GLY A 257 -6.89 -32.74 -18.70
C GLY A 257 -7.30 -34.13 -18.26
N PRO A 258 -8.58 -34.49 -18.47
CA PRO A 258 -9.15 -35.75 -17.96
C PRO A 258 -8.83 -37.03 -18.73
N ASN A 259 -8.31 -36.94 -19.97
CA ASN A 259 -7.97 -38.13 -20.77
C ASN A 259 -6.51 -38.53 -20.58
N GLY A 260 -6.27 -39.49 -19.69
CA GLY A 260 -4.92 -39.94 -19.40
C GLY A 260 -4.17 -40.53 -20.59
N ASP A 261 -4.87 -41.15 -21.54
CA ASP A 261 -4.18 -41.70 -22.71
C ASP A 261 -3.56 -40.61 -23.55
N ILE A 262 -4.35 -39.58 -23.82
CA ILE A 262 -3.91 -38.40 -24.56
C ILE A 262 -2.77 -37.72 -23.79
N ASN A 263 -2.92 -37.58 -22.48
CA ASN A 263 -1.89 -36.96 -21.64
C ASN A 263 -0.54 -37.67 -21.71
N LEU A 264 -0.58 -39.01 -21.67
CA LEU A 264 0.63 -39.82 -21.80
C LEU A 264 1.35 -39.72 -23.14
N LYS A 265 0.65 -39.23 -24.18
CA LYS A 265 1.24 -39.08 -25.50
C LYS A 265 1.67 -37.67 -25.84
N SER A 266 1.68 -36.77 -24.85
CA SER A 266 2.01 -35.37 -25.13
C SER A 266 2.62 -34.65 -23.95
N ASN A 267 3.30 -33.54 -24.25
CA ASN A 267 3.79 -32.61 -23.25
C ASN A 267 2.94 -31.35 -23.34
N LEU A 268 2.66 -30.78 -22.19
CA LEU A 268 2.24 -29.38 -22.11
C LEU A 268 3.54 -28.58 -22.20
N THR A 269 3.61 -27.65 -23.16
CA THR A 269 4.88 -26.99 -23.49
C THR A 269 4.71 -25.48 -23.55
N TRP A 270 5.54 -24.78 -22.79
CA TRP A 270 5.67 -23.32 -22.85
C TRP A 270 7.03 -22.96 -23.44
N MET A 271 7.08 -21.89 -24.23
CA MET A 271 8.35 -21.42 -24.79
C MET A 271 8.49 -19.91 -24.60
N PHE A 272 9.71 -19.50 -24.29
CA PHE A 272 10.04 -18.12 -23.95
C PHE A 272 11.29 -17.67 -24.69
N GLN A 273 11.23 -16.46 -25.26
CA GLN A 273 12.39 -15.82 -25.86
C GLN A 273 13.18 -15.09 -24.78
N ILE A 274 14.45 -15.43 -24.65
CA ILE A 274 15.34 -14.82 -23.64
C ILE A 274 16.69 -14.42 -24.27
N ASP A 275 17.64 -14.01 -23.44
CA ASP A 275 18.98 -13.62 -23.89
C ASP A 275 19.97 -14.72 -23.59
N LYS A 276 20.82 -15.06 -24.55
CA LYS A 276 21.84 -16.08 -24.37
C LYS A 276 22.92 -15.61 -23.38
N ASN A 277 23.62 -16.57 -22.77
CA ASN A 277 24.80 -16.33 -21.92
C ASN A 277 24.46 -15.85 -20.52
N PHE A 278 23.29 -16.22 -20.05
CA PHE A 278 22.89 -16.01 -18.65
C PHE A 278 22.32 -17.31 -18.10
N THR A 279 22.43 -17.46 -16.79
CA THR A 279 21.67 -18.43 -16.03
C THR A 279 20.33 -17.84 -15.67
N TYR A 280 19.27 -18.59 -15.92
CA TYR A 280 17.90 -18.23 -15.58
C TYR A 280 17.34 -19.12 -14.46
N ILE A 281 16.49 -18.54 -13.64
CA ILE A 281 15.75 -19.28 -12.62
C ILE A 281 14.32 -19.33 -13.10
N LEU A 282 13.76 -20.55 -13.14
CA LEU A 282 12.33 -20.73 -13.34
C LEU A 282 11.74 -21.09 -12.00
N ARG A 283 10.79 -20.27 -11.58
CA ARG A 283 10.03 -20.48 -10.35
C ARG A 283 8.66 -21.00 -10.73
N LEU A 284 8.40 -22.28 -10.39
CA LEU A 284 7.13 -22.91 -10.71
C LEU A 284 6.28 -22.89 -9.47
N HIS A 285 5.09 -22.34 -9.59
CA HIS A 285 4.15 -22.21 -8.50
C HIS A 285 3.08 -23.31 -8.60
N PHE A 286 2.84 -23.98 -7.48
CA PHE A 286 1.88 -25.09 -7.45
C PHE A 286 0.92 -24.97 -6.29
N CYS A 287 -0.31 -25.45 -6.48
CA CYS A 287 -1.24 -25.60 -5.38
C CYS A 287 -2.30 -26.57 -5.88
N GLU A 288 -2.47 -27.67 -5.17
CA GLU A 288 -3.45 -28.67 -5.56
C GLU A 288 -4.78 -28.29 -4.94
N PHE A 289 -5.76 -27.96 -5.78
CA PHE A 289 -7.08 -27.59 -5.27
C PHE A 289 -8.22 -28.53 -5.69
N GLN A 290 -7.90 -29.63 -6.38
CA GLN A 290 -8.92 -30.64 -6.73
C GLN A 290 -8.71 -31.95 -6.01
N LEU A 291 -7.52 -32.48 -6.10
CA LEU A 291 -7.16 -33.77 -5.51
C LEU A 291 -6.77 -33.60 -4.07
N SER A 292 -6.62 -34.72 -3.37
CA SER A 292 -6.38 -34.67 -1.92
C SER A 292 -5.29 -35.56 -1.37
N LYS A 293 -4.75 -36.48 -2.17
CA LYS A 293 -3.79 -37.45 -1.65
C LYS A 293 -2.55 -37.53 -2.52
N ILE A 294 -1.49 -37.99 -1.89
CA ILE A 294 -0.27 -38.31 -2.58
C ILE A 294 -0.54 -39.40 -3.63
N ASN A 295 0.20 -39.33 -4.72
CA ASN A 295 0.18 -40.34 -5.78
C ASN A 295 -1.14 -40.38 -6.56
N GLN A 296 -1.85 -39.26 -6.57
CA GLN A 296 -2.97 -39.09 -7.45
C GLN A 296 -2.57 -38.50 -8.77
N LYS A 297 -1.73 -37.46 -8.73
CA LYS A 297 -1.21 -36.81 -9.94
C LYS A 297 0.30 -36.65 -9.77
N VAL A 298 1.03 -37.23 -10.71
CA VAL A 298 2.48 -37.34 -10.62
C VAL A 298 3.01 -37.13 -12.02
N PHE A 299 3.97 -36.21 -12.16
CA PHE A 299 4.36 -35.76 -13.49
C PHE A 299 5.82 -35.39 -13.62
N ASN A 300 6.31 -35.53 -14.84
CA ASN A 300 7.67 -35.19 -15.18
C ASN A 300 7.74 -33.75 -15.64
N ILE A 301 8.84 -33.08 -15.33
CA ILE A 301 9.05 -31.67 -15.71
C ILE A 301 10.40 -31.58 -16.38
N TYR A 302 10.42 -30.98 -17.57
CA TYR A 302 11.66 -30.82 -18.35
C TYR A 302 11.85 -29.33 -18.66
N ILE A 303 13.12 -28.90 -18.63
CA ILE A 303 13.47 -27.51 -18.93
C ILE A 303 14.59 -27.59 -19.97
N ASN A 304 14.37 -27.01 -21.15
CA ASN A 304 15.33 -27.06 -22.26
C ASN A 304 15.76 -28.48 -22.55
N ASN A 305 14.76 -29.37 -22.62
CA ASN A 305 14.92 -30.79 -22.90
C ASN A 305 15.70 -31.58 -21.84
N ARG A 306 15.98 -30.97 -20.69
CA ARG A 306 16.70 -31.62 -19.63
C ARG A 306 15.76 -31.84 -18.44
N THR A 307 16.15 -32.77 -17.57
CA THR A 307 15.29 -33.23 -16.49
C THR A 307 15.29 -32.27 -15.32
N ALA A 308 14.13 -31.74 -14.97
CA ALA A 308 13.93 -30.98 -13.76
C ALA A 308 13.33 -31.85 -12.63
N GLN A 309 12.30 -32.62 -12.96
CA GLN A 309 11.77 -33.65 -12.04
C GLN A 309 11.38 -34.79 -12.92
N ALA A 310 11.99 -35.95 -12.73
CA ALA A 310 11.60 -37.09 -13.51
C ALA A 310 12.14 -38.35 -12.87
N ASP A 311 12.17 -39.45 -13.62
CA ASP A 311 12.75 -40.69 -13.15
C ASP A 311 12.02 -41.11 -11.86
N THR A 312 12.73 -41.40 -10.78
CA THR A 312 12.09 -41.84 -9.53
C THR A 312 11.68 -40.68 -8.62
N THR A 313 11.91 -39.44 -9.05
CA THR A 313 11.49 -38.27 -8.29
C THR A 313 10.68 -37.31 -9.18
N PRO A 314 9.55 -37.79 -9.75
CA PRO A 314 8.66 -36.87 -10.46
C PRO A 314 7.98 -35.88 -9.49
N ALA A 315 7.36 -34.85 -10.05
CA ALA A 315 6.60 -33.87 -9.28
C ALA A 315 5.30 -34.48 -8.81
N ASP A 316 4.94 -34.21 -7.57
CA ASP A 316 3.65 -34.61 -7.01
C ASP A 316 3.34 -33.48 -6.03
N ILE A 317 2.34 -32.66 -6.34
CA ILE A 317 2.07 -31.46 -5.52
C ILE A 317 1.72 -31.83 -4.07
N ILE A 318 0.76 -32.72 -3.87
CA ILE A 318 0.43 -33.18 -2.53
C ILE A 318 1.62 -33.92 -1.89
N GLY A 319 2.36 -34.66 -2.71
CA GLY A 319 3.62 -35.28 -2.25
C GLY A 319 4.55 -34.27 -1.60
N TRP A 320 4.67 -33.09 -2.22
CA TRP A 320 5.44 -31.99 -1.70
C TRP A 320 4.80 -31.21 -0.56
N THR A 321 3.51 -30.86 -0.68
CA THR A 321 2.88 -29.96 0.31
C THR A 321 2.27 -30.66 1.50
N GLY A 322 1.85 -31.90 1.31
CA GLY A 322 1.16 -32.67 2.34
C GLY A 322 -0.34 -32.50 2.37
N GLU A 323 -0.91 -31.50 1.69
CA GLU A 323 -2.35 -31.25 1.78
C GLU A 323 -2.88 -30.40 0.62
N LYS A 324 -4.11 -30.70 0.23
CA LYS A 324 -4.88 -29.84 -0.66
C LYS A 324 -4.92 -28.42 -0.12
N GLY A 325 -4.73 -27.45 -1.02
CA GLY A 325 -4.85 -26.05 -0.67
C GLY A 325 -3.61 -25.37 -0.14
N ILE A 326 -2.52 -26.10 0.06
CA ILE A 326 -1.25 -25.49 0.50
C ILE A 326 -0.46 -25.11 -0.76
N PRO A 327 -0.09 -23.82 -0.90
CA PRO A 327 0.68 -23.36 -2.04
C PRO A 327 2.16 -23.63 -1.82
N MET A 328 2.91 -23.64 -2.92
CA MET A 328 4.35 -23.80 -2.86
C MET A 328 4.95 -23.32 -4.16
N TYR A 329 6.27 -23.26 -4.18
CA TYR A 329 6.99 -23.05 -5.41
C TYR A 329 8.27 -23.87 -5.39
N LYS A 330 8.81 -24.10 -6.57
CA LYS A 330 10.11 -24.70 -6.70
C LYS A 330 10.91 -23.94 -7.72
N ASP A 331 12.17 -23.65 -7.37
CA ASP A 331 13.08 -22.94 -8.26
C ASP A 331 14.06 -23.89 -8.96
N TYR A 332 14.18 -23.72 -10.26
CA TYR A 332 15.16 -24.47 -11.08
C TYR A 332 16.02 -23.48 -11.84
N ALA A 333 17.29 -23.81 -12.03
CA ALA A 333 18.22 -22.94 -12.74
C ALA A 333 18.76 -23.63 -13.99
N ILE A 334 18.93 -22.85 -15.06
CA ILE A 334 19.46 -23.34 -16.33
C ILE A 334 20.33 -22.26 -16.97
N TYR A 335 21.55 -22.64 -17.36
CA TYR A 335 22.39 -21.77 -18.18
C TYR A 335 21.99 -21.93 -19.63
N VAL A 336 21.71 -20.84 -20.31
CA VAL A 336 21.41 -20.85 -21.73
C VAL A 336 22.64 -20.42 -22.49
N ASP A 337 23.20 -21.39 -23.21
CA ASP A 337 24.54 -21.30 -23.81
C ASP A 337 24.44 -20.63 -25.17
N ALA A 338 25.56 -20.03 -25.58
CA ALA A 338 25.65 -19.32 -26.85
C ALA A 338 25.29 -20.16 -28.10
N ASN A 339 25.46 -21.49 -28.04
CA ASN A 339 24.94 -22.39 -29.11
C ASN A 339 23.64 -23.10 -28.72
N ASN A 340 23.75 -24.09 -27.83
CA ASN A 340 22.58 -24.87 -27.39
C ASN A 340 21.69 -24.07 -26.42
N GLY A 341 20.37 -24.28 -26.48
CA GLY A 341 19.40 -23.40 -25.81
C GLY A 341 18.86 -22.38 -26.79
N GLY A 342 19.76 -21.66 -27.46
CA GLY A 342 19.45 -20.89 -28.69
C GLY A 342 18.39 -19.79 -28.56
N GLU A 343 18.55 -18.97 -27.53
CA GLU A 343 17.66 -17.83 -27.24
C GLU A 343 16.26 -18.21 -26.75
N GLU A 344 16.01 -19.49 -26.47
CA GLU A 344 14.72 -19.92 -25.91
C GLU A 344 14.88 -20.75 -24.64
N ILE A 345 13.89 -20.63 -23.78
CA ILE A 345 13.67 -21.56 -22.68
C ILE A 345 12.35 -22.26 -22.97
N THR A 346 12.37 -23.60 -22.89
CA THR A 346 11.17 -24.40 -23.02
CA THR A 346 11.15 -24.38 -23.00
C THR A 346 10.88 -25.04 -21.67
N LEU A 347 9.61 -25.05 -21.27
CA LEU A 347 9.20 -25.76 -20.07
C LEU A 347 8.20 -26.80 -20.52
N GLN A 348 8.40 -28.07 -20.12
CA GLN A 348 7.48 -29.14 -20.57
C GLN A 348 7.08 -29.99 -19.41
N MET A 349 5.82 -30.42 -19.39
CA MET A 349 5.39 -31.42 -18.42
C MET A 349 4.48 -32.46 -19.05
N THR A 350 4.55 -33.67 -18.47
CA THR A 350 3.83 -34.83 -19.00
C THR A 350 3.66 -35.77 -17.82
N PRO A 351 2.66 -36.67 -17.85
CA PRO A 351 2.50 -37.52 -16.67
C PRO A 351 3.66 -38.51 -16.50
N SER A 352 3.92 -38.85 -15.25
CA SER A 352 4.86 -39.92 -14.93
C SER A 352 4.06 -41.21 -14.78
N THR A 353 4.67 -42.31 -15.19
CA THR A 353 4.10 -43.62 -14.88
C THR A 353 4.70 -44.22 -13.60
N PHE A 354 5.70 -43.56 -13.02
CA PHE A 354 6.39 -44.09 -11.85
C PHE A 354 5.44 -44.21 -10.67
N GLY A 355 5.37 -45.40 -10.07
CA GLY A 355 4.59 -45.60 -8.84
C GLY A 355 3.10 -45.76 -9.02
N GLN A 356 2.64 -45.94 -10.27
CA GLN A 356 1.27 -46.29 -10.55
C GLN A 356 0.29 -45.26 -9.97
N PRO A 357 0.41 -43.99 -10.40
CA PRO A 357 -0.45 -42.95 -9.86
C PRO A 357 -1.92 -43.15 -10.25
N GLU A 358 -2.85 -42.60 -9.47
CA GLU A 358 -4.27 -42.77 -9.77
C GLU A 358 -4.64 -42.20 -11.14
N TYR A 359 -4.13 -41.01 -11.45
CA TYR A 359 -4.40 -40.35 -12.71
C TYR A 359 -3.09 -40.14 -13.45
N TYR A 360 -3.20 -39.84 -14.73
CA TYR A 360 -2.06 -39.49 -15.56
C TYR A 360 -2.28 -38.07 -16.07
N ASP A 361 -1.71 -37.12 -15.35
CA ASP A 361 -1.98 -35.69 -15.60
C ASP A 361 -0.80 -34.88 -15.08
N SER A 362 -0.83 -33.59 -15.37
CA SER A 362 0.17 -32.63 -14.92
CA SER A 362 0.15 -32.65 -14.85
C SER A 362 -0.53 -31.30 -14.69
N SER A 363 0.03 -30.45 -13.84
CA SER A 363 -0.55 -29.11 -13.66
C SER A 363 0.48 -28.12 -13.17
N LEU A 364 0.15 -26.86 -13.35
CA LEU A 364 1.00 -25.76 -12.94
C LEU A 364 0.09 -24.56 -12.66
N ASN A 365 0.39 -23.79 -11.60
CA ASN A 365 -0.47 -22.66 -11.21
C ASN A 365 0.12 -21.27 -11.54
N GLY A 366 1.44 -21.18 -11.59
CA GLY A 366 2.09 -19.91 -11.86
C GLY A 366 3.50 -20.15 -12.34
N LEU A 367 4.09 -19.13 -12.96
CA LEU A 367 5.45 -19.26 -13.46
C LEU A 367 6.14 -17.92 -13.50
N GLU A 368 7.34 -17.86 -12.94
CA GLU A 368 8.19 -16.68 -13.10
C GLU A 368 9.52 -17.12 -13.66
N ILE A 369 10.10 -16.29 -14.51
CA ILE A 369 11.41 -16.54 -15.09
C ILE A 369 12.29 -15.32 -14.78
N PHE A 370 13.42 -15.57 -14.11
CA PHE A 370 14.38 -14.50 -13.77
C PHE A 370 15.74 -14.74 -14.40
N LYS A 371 16.34 -13.68 -14.94
CA LYS A 371 17.74 -13.70 -15.37
C LYS A 371 18.65 -13.36 -14.21
N MET A 372 19.68 -14.14 -13.98
CA MET A 372 20.68 -13.83 -12.97
C MET A 372 21.78 -12.98 -13.60
N ASP A 373 22.34 -12.06 -12.83
CA ASP A 373 23.45 -11.26 -13.33
C ASP A 373 24.74 -12.09 -13.49
N THR A 374 25.51 -11.73 -14.51
CA THR A 374 26.85 -12.24 -14.77
C THR A 374 27.77 -11.04 -14.95
N MET A 375 28.87 -11.00 -14.20
CA MET A 375 29.84 -9.88 -14.28
C MET A 375 29.14 -8.52 -14.02
N LYS A 376 28.24 -8.51 -13.04
CA LYS A 376 27.40 -7.34 -12.68
C LYS A 376 26.63 -6.76 -13.85
N ASN A 377 26.24 -7.62 -14.77
CA ASN A 377 25.52 -7.20 -15.95
C ASN A 377 24.26 -8.04 -16.14
N LEU A 378 23.20 -7.37 -16.53
CA LEU A 378 21.93 -7.98 -16.94
C LEU A 378 21.52 -7.56 -18.36
N ALA A 379 22.30 -6.70 -19.02
CA ALA A 379 21.92 -6.22 -20.34
C ALA A 379 22.10 -7.29 -21.39
N GLY A 380 21.11 -7.39 -22.28
CA GLY A 380 21.15 -8.26 -23.44
C GLY A 380 21.09 -7.45 -24.72
N PRO A 381 21.20 -8.13 -25.86
CA PRO A 381 21.10 -7.38 -27.11
C PRO A 381 19.65 -6.99 -27.43
N ASN A 382 19.50 -6.09 -28.39
CA ASN A 382 18.16 -5.77 -28.86
C ASN A 382 17.71 -6.96 -29.71
N PRO A 383 16.41 -7.29 -29.66
CA PRO A 383 15.91 -8.38 -30.50
C PRO A 383 15.91 -8.03 -31.99
N GLU A 384 15.82 -9.07 -32.82
CA GLU A 384 15.76 -8.91 -34.28
C GLU A 384 14.42 -8.27 -34.67
N PRO A 385 14.41 -7.44 -35.74
CA PRO A 385 13.30 -6.51 -35.99
C PRO A 385 11.91 -7.15 -36.11
N SER A 386 11.80 -8.21 -36.91
CA SER A 386 10.52 -8.87 -37.18
C SER A 386 10.20 -9.91 -36.10
N GLY B 1 -0.83 -6.97 -0.82
CA GLY B 1 -2.25 -7.44 -1.11
C GLY B 1 -3.15 -6.31 -1.57
N GLN B 2 -2.92 -5.15 -0.96
CA GLN B 2 -3.38 -3.84 -1.40
C GLN B 2 -4.54 -3.50 -0.49
N ASP B 3 -5.03 -2.28 -0.60
CA ASP B 3 -6.00 -1.77 0.33
C ASP B 3 -7.29 -2.56 0.22
N LEU B 4 -7.97 -2.71 1.34
CA LEU B 4 -9.20 -3.49 1.42
C LEU B 4 -10.26 -2.75 2.19
N ALA B 5 -11.50 -2.92 1.75
CA ALA B 5 -12.69 -2.53 2.51
C ALA B 5 -13.58 -3.77 2.56
N LEU B 6 -13.57 -4.43 3.70
CA LEU B 6 -14.27 -5.70 3.92
C LEU B 6 -15.56 -5.44 4.65
N SER B 7 -16.69 -5.78 4.04
CA SER B 7 -17.94 -5.79 4.81
C SER B 7 -18.11 -7.19 5.37
N CYS B 8 -18.00 -7.32 6.69
CA CYS B 8 -18.03 -8.61 7.33
C CYS B 8 -19.42 -9.21 7.32
N GLY B 9 -19.49 -10.50 7.01
CA GLY B 9 -20.75 -11.24 6.93
C GLY B 9 -21.56 -11.04 5.65
N THR B 10 -20.95 -10.52 4.60
CA THR B 10 -21.57 -10.40 3.27
C THR B 10 -21.01 -11.48 2.36
N SER B 11 -21.77 -11.81 1.30
CA SER B 11 -21.35 -12.81 0.31
CA SER B 11 -21.37 -12.81 0.31
C SER B 11 -21.10 -12.23 -1.10
N GLU B 12 -21.45 -10.96 -1.29
CA GLU B 12 -21.31 -10.27 -2.58
C GLU B 12 -20.76 -8.88 -2.33
N ALA B 13 -20.18 -8.29 -3.37
CA ALA B 13 -19.69 -6.92 -3.30
C ALA B 13 -20.85 -5.93 -3.06
N SER B 14 -20.52 -4.82 -2.41
CA SER B 14 -21.50 -3.82 -2.05
C SER B 14 -20.83 -2.45 -2.13
N ALA B 15 -21.64 -1.39 -2.13
CA ALA B 15 -21.11 -0.02 -2.13
C ALA B 15 -21.89 0.77 -1.12
N ASP B 16 -21.22 1.75 -0.50
CA ASP B 16 -21.86 2.59 0.52
C ASP B 16 -22.39 3.89 -0.10
N GLN B 17 -22.75 4.86 0.73
CA GLN B 17 -23.38 6.11 0.27
C GLN B 17 -22.37 7.12 -0.28
N ASP B 18 -21.08 6.84 -0.07
CA ASP B 18 -20.02 7.74 -0.45
C ASP B 18 -19.15 7.12 -1.54
N LYS B 19 -19.75 6.22 -2.32
CA LYS B 19 -19.10 5.57 -3.47
C LYS B 19 -17.86 4.76 -3.13
N LYS B 20 -17.79 4.27 -1.89
CA LYS B 20 -16.74 3.34 -1.56
C LYS B 20 -17.26 1.93 -1.79
N LYS B 21 -16.43 1.12 -2.45
CA LYS B 21 -16.76 -0.25 -2.76
C LYS B 21 -16.23 -1.16 -1.66
N TRP B 22 -17.08 -2.10 -1.24
CA TRP B 22 -16.75 -3.05 -0.20
C TRP B 22 -16.88 -4.45 -0.78
N GLU B 23 -16.11 -5.39 -0.21
CA GLU B 23 -16.13 -6.77 -0.62
C GLU B 23 -16.31 -7.68 0.60
N PRO B 24 -16.73 -8.94 0.38
CA PRO B 24 -16.85 -9.89 1.48
C PRO B 24 -15.55 -10.13 2.23
N ASP B 25 -15.66 -10.39 3.53
CA ASP B 25 -14.51 -10.64 4.41
C ASP B 25 -14.04 -12.09 4.42
N THR B 26 -14.88 -13.00 3.92
CA THR B 26 -14.68 -14.44 4.06
C THR B 26 -13.28 -14.94 3.67
N LYS B 27 -12.86 -14.52 2.47
CA LYS B 27 -11.50 -14.71 1.89
C LYS B 27 -10.36 -14.58 2.89
N PHE B 28 -10.47 -13.60 3.78
CA PHE B 28 -9.37 -13.18 4.64
C PHE B 28 -9.44 -13.77 6.03
N LEU B 29 -10.50 -14.53 6.29
CA LEU B 29 -10.72 -15.03 7.63
C LEU B 29 -10.08 -16.39 7.72
N LYS B 30 -9.10 -16.55 8.62
CA LYS B 30 -8.36 -17.81 8.74
C LYS B 30 -9.20 -18.87 9.43
N THR B 31 -9.90 -18.49 10.50
CA THR B 31 -10.55 -19.48 11.37
C THR B 31 -12.02 -19.75 10.97
N GLY B 32 -12.47 -20.98 11.22
CA GLY B 32 -13.82 -21.38 10.88
C GLY B 32 -14.80 -21.10 12.01
N ASN B 33 -16.00 -21.67 11.88
CA ASN B 33 -17.05 -21.62 12.92
C ASN B 33 -17.53 -20.21 13.30
N SER B 34 -17.34 -19.24 12.42
CA SER B 34 -17.95 -17.95 12.66
C SER B 34 -19.40 -18.05 12.24
N ILE B 35 -20.15 -17.08 12.73
CA ILE B 35 -21.55 -16.88 12.40
C ILE B 35 -21.64 -15.58 11.64
N HIS B 36 -22.46 -15.55 10.60
CA HIS B 36 -22.79 -14.31 9.94
C HIS B 36 -24.26 -13.99 10.19
N ALA B 37 -24.56 -12.71 10.27
CA ALA B 37 -25.91 -12.27 10.61
C ALA B 37 -26.18 -10.90 10.04
N THR B 38 -27.45 -10.65 9.75
CA THR B 38 -27.91 -9.35 9.33
C THR B 38 -28.76 -8.77 10.45
N ALA B 39 -28.55 -7.49 10.75
CA ALA B 39 -29.30 -6.83 11.81
C ALA B 39 -30.79 -6.77 11.45
N THR B 40 -31.66 -6.90 12.46
CA THR B 40 -33.12 -6.88 12.27
C THR B 40 -33.77 -5.50 12.48
N TYR B 41 -32.93 -4.49 12.71
CA TYR B 41 -33.35 -3.09 12.77
C TYR B 41 -32.32 -2.27 12.02
N GLN B 42 -32.79 -1.48 11.06
CA GLN B 42 -31.96 -0.49 10.35
C GLN B 42 -32.19 0.89 10.94
N ASP B 43 -31.29 1.34 11.80
CA ASP B 43 -31.40 2.64 12.42
C ASP B 43 -31.45 3.74 11.33
N PRO B 44 -32.48 4.60 11.37
CA PRO B 44 -32.60 5.67 10.37
C PRO B 44 -31.43 6.65 10.33
N SER B 45 -30.61 6.69 11.39
CA SER B 45 -29.43 7.52 11.41
C SER B 45 -28.23 6.92 10.64
N LEU B 46 -28.28 5.63 10.28
CA LEU B 46 -27.19 5.06 9.45
C LEU B 46 -27.09 5.81 8.13
N LEU B 47 -25.86 6.14 7.74
CA LEU B 47 -25.65 6.81 6.45
C LEU B 47 -25.74 5.80 5.30
N SER B 48 -25.49 4.54 5.60
CA SER B 48 -25.63 3.46 4.62
C SER B 48 -25.90 2.15 5.35
N THR B 49 -26.45 1.19 4.65
CA THR B 49 -26.52 -0.18 5.15
C THR B 49 -25.18 -0.94 5.05
N VAL B 50 -24.21 -0.34 4.35
CA VAL B 50 -22.91 -0.95 4.10
C VAL B 50 -21.83 -0.19 4.86
N PRO B 51 -21.01 -0.85 5.72
CA PRO B 51 -21.01 -2.29 5.98
C PRO B 51 -21.92 -2.70 7.16
N TYR B 52 -22.63 -1.75 7.72
CA TYR B 52 -23.19 -1.89 9.08
C TYR B 52 -24.24 -2.96 9.28
N MET B 53 -25.12 -3.19 8.30
CA MET B 53 -26.24 -4.11 8.52
C MET B 53 -25.83 -5.58 8.62
N THR B 54 -24.60 -5.92 8.20
CA THR B 54 -24.14 -7.29 8.25
C THR B 54 -22.96 -7.42 9.18
N ALA B 55 -22.94 -8.51 9.93
CA ALA B 55 -21.90 -8.76 10.92
C ALA B 55 -21.36 -10.15 10.81
N ARG B 56 -20.14 -10.31 11.27
CA ARG B 56 -19.58 -11.59 11.61
C ARG B 56 -19.42 -11.69 13.12
N ILE B 57 -19.75 -12.86 13.65
CA ILE B 57 -19.81 -13.12 15.09
C ILE B 57 -18.87 -14.27 15.42
N PHE B 58 -18.11 -14.11 16.50
CA PHE B 58 -17.10 -15.06 16.92
C PHE B 58 -17.34 -15.49 18.36
N THR B 59 -17.34 -16.81 18.59
CA THR B 59 -17.52 -17.39 19.93
C THR B 59 -16.25 -18.09 20.44
N ALA B 60 -15.15 -17.85 19.72
CA ALA B 60 -13.83 -18.34 20.09
C ALA B 60 -12.87 -17.33 19.44
N PRO B 61 -11.57 -17.40 19.80
CA PRO B 61 -10.63 -16.49 19.12
C PRO B 61 -10.62 -16.68 17.61
N ALA B 62 -10.68 -15.58 16.87
CA ALA B 62 -10.74 -15.61 15.42
C ALA B 62 -9.72 -14.65 14.86
N THR B 63 -9.02 -15.08 13.82
CA THR B 63 -7.97 -14.26 13.17
C THR B 63 -8.24 -14.02 11.69
N TYR B 64 -8.22 -12.75 11.29
CA TYR B 64 -8.11 -12.34 9.89
C TYR B 64 -6.63 -12.18 9.54
N GLU B 65 -6.24 -12.58 8.34
CA GLU B 65 -4.87 -12.43 7.84
C GLU B 65 -4.95 -11.63 6.57
N ILE B 66 -4.52 -10.36 6.63
CA ILE B 66 -4.68 -9.44 5.53
C ILE B 66 -3.28 -9.18 4.95
N PRO B 67 -3.06 -9.48 3.65
CA PRO B 67 -1.78 -9.19 3.06
C PRO B 67 -1.51 -7.70 3.06
N ILE B 68 -0.32 -7.33 3.49
CA ILE B 68 0.11 -5.94 3.54
C ILE B 68 1.57 -5.84 3.10
N LYS B 69 2.05 -4.60 2.98
CA LYS B 69 3.46 -4.35 2.76
C LYS B 69 4.13 -4.02 4.11
N GLY B 70 5.10 -4.85 4.48
CA GLY B 70 5.74 -4.81 5.80
C GLY B 70 6.42 -3.52 6.22
N ASP B 71 6.96 -2.79 5.25
CA ASP B 71 7.72 -1.57 5.56
C ASP B 71 6.86 -0.34 5.67
N LYS B 72 5.54 -0.48 5.45
CA LYS B 72 4.61 0.64 5.41
C LYS B 72 3.76 0.75 6.65
N ARG B 73 3.34 1.98 6.92
CA ARG B 73 2.34 2.30 7.92
C ARG B 73 0.95 2.04 7.32
N HIS B 74 -0.02 1.64 8.17
CA HIS B 74 -1.39 1.43 7.69
C HIS B 74 -2.43 2.08 8.57
N LEU B 75 -3.49 2.55 7.95
CA LEU B 75 -4.73 2.88 8.66
C LEU B 75 -5.54 1.61 8.77
N LEU B 76 -6.05 1.35 9.96
CA LEU B 76 -6.94 0.21 10.21
C LEU B 76 -8.23 0.78 10.76
N ARG B 77 -9.37 0.48 10.13
CA ARG B 77 -10.67 0.87 10.65
C ARG B 77 -11.50 -0.33 10.98
N LEU B 78 -12.17 -0.27 12.13
CA LEU B 78 -13.08 -1.32 12.60
C LEU B 78 -14.44 -0.67 12.75
N TYR B 79 -15.45 -1.24 12.09
CA TYR B 79 -16.80 -0.72 12.07
C TYR B 79 -17.70 -1.63 12.89
N PHE B 80 -18.50 -1.02 13.76
CA PHE B 80 -19.40 -1.75 14.67
C PHE B 80 -20.79 -1.12 14.67
N TYR B 81 -21.81 -1.96 14.61
CA TYR B 81 -23.22 -1.58 14.65
C TYR B 81 -23.91 -2.50 15.67
N PRO B 82 -23.94 -2.07 16.95
CA PRO B 82 -24.57 -2.93 17.94
C PRO B 82 -26.09 -2.83 17.75
N SER B 83 -26.67 -3.87 17.21
CA SER B 83 -28.09 -3.89 16.92
C SER B 83 -28.57 -5.28 17.29
N THR B 84 -29.73 -5.67 16.77
CA THR B 84 -30.29 -6.99 17.02
C THR B 84 -30.01 -7.98 15.91
N TYR B 85 -29.27 -9.03 16.24
CA TYR B 85 -28.87 -10.08 15.31
C TYR B 85 -29.61 -11.30 15.87
N THR B 86 -30.42 -11.94 15.04
CA THR B 86 -31.39 -12.94 15.51
C THR B 86 -30.66 -13.89 16.45
N GLY B 87 -31.11 -13.93 17.70
CA GLY B 87 -30.66 -14.91 18.68
C GLY B 87 -29.66 -14.41 19.72
N LEU B 88 -29.26 -13.13 19.65
CA LEU B 88 -28.29 -12.56 20.62
C LEU B 88 -28.68 -11.20 21.21
N ASN B 89 -28.24 -10.99 22.45
CA ASN B 89 -28.34 -9.69 23.12
C ASN B 89 -26.98 -9.05 23.00
N ILE B 90 -26.94 -7.94 22.29
CA ILE B 90 -25.69 -7.28 22.00
C ILE B 90 -24.97 -6.79 23.26
N SER B 91 -25.74 -6.60 24.35
CA SER B 91 -25.16 -6.26 25.64
C SER B 91 -24.20 -7.30 26.22
N ASN B 92 -24.25 -8.55 25.73
CA ASN B 92 -23.35 -9.61 26.21
C ASN B 92 -21.95 -9.61 25.57
N SER B 93 -21.79 -8.81 24.53
CA SER B 93 -20.53 -8.76 23.76
C SER B 93 -19.45 -7.94 24.47
N TYR B 94 -18.38 -8.62 24.86
CA TYR B 94 -17.17 -7.98 25.41
C TYR B 94 -16.03 -8.72 24.80
N PHE B 95 -15.10 -7.98 24.16
CA PHE B 95 -13.98 -8.65 23.52
C PHE B 95 -12.75 -7.78 23.34
N THR B 96 -11.67 -8.47 22.99
CA THR B 96 -10.37 -7.87 22.71
C THR B 96 -10.11 -7.93 21.21
N VAL B 97 -9.42 -6.93 20.70
CA VAL B 97 -8.92 -6.94 19.32
C VAL B 97 -7.47 -6.53 19.36
N GLU B 98 -6.65 -7.32 18.67
CA GLU B 98 -5.23 -7.10 18.54
C GLU B 98 -4.89 -7.08 17.05
N ALA B 99 -3.87 -6.30 16.69
CA ALA B 99 -3.38 -6.28 15.32
C ALA B 99 -1.86 -6.38 15.39
N ASN B 100 -1.29 -7.51 14.91
CA ASN B 100 0.16 -7.79 15.03
C ASN B 100 0.81 -7.31 16.33
N ASP B 101 0.32 -7.85 17.44
CA ASP B 101 0.90 -7.58 18.76
C ASP B 101 0.64 -6.16 19.33
N VAL B 102 -0.19 -5.36 18.66
CA VAL B 102 -0.73 -4.12 19.22
C VAL B 102 -2.15 -4.41 19.73
N THR B 103 -2.42 -4.15 21.02
CA THR B 103 -3.76 -4.29 21.56
C THR B 103 -4.55 -3.02 21.31
N LEU B 104 -5.66 -3.16 20.62
CA LEU B 104 -6.50 -2.05 20.20
C LEU B 104 -7.67 -1.84 21.15
N LEU B 105 -8.32 -2.93 21.51
CA LEU B 105 -9.55 -2.93 22.28
C LEU B 105 -9.46 -4.06 23.27
N SER B 106 -10.01 -3.86 24.46
CA SER B 106 -9.97 -4.86 25.52
C SER B 106 -11.20 -4.69 26.36
N ASN B 107 -11.91 -5.78 26.62
CA ASN B 107 -13.19 -5.72 27.32
C ASN B 107 -14.14 -4.71 26.68
N PHE B 108 -14.12 -4.64 25.35
CA PHE B 108 -14.83 -3.59 24.61
C PHE B 108 -16.30 -3.93 24.45
N SER B 109 -17.17 -3.00 24.86
CA SER B 109 -18.60 -3.08 24.66
C SER B 109 -19.04 -2.03 23.65
N ALA B 110 -19.33 -2.44 22.43
CA ALA B 110 -19.88 -1.53 21.44
C ALA B 110 -21.21 -0.92 21.86
N ALA B 111 -22.04 -1.73 22.50
CA ALA B 111 -23.35 -1.27 22.98
C ALA B 111 -23.23 -0.10 23.97
N ILE B 112 -22.41 -0.28 24.99
CA ILE B 112 -22.18 0.78 26.00
C ILE B 112 -21.57 2.02 25.36
N THR B 113 -20.61 1.80 24.47
CA THR B 113 -19.89 2.90 23.87
C THR B 113 -20.82 3.74 22.99
N CYS B 114 -21.65 3.06 22.19
CA CYS B 114 -22.68 3.74 21.38
C CYS B 114 -23.72 4.49 22.23
N GLN B 115 -24.17 3.88 23.31
CA GLN B 115 -25.14 4.53 24.22
C GLN B 115 -24.53 5.84 24.76
N ALA B 116 -23.28 5.80 25.21
CA ALA B 116 -22.58 6.97 25.75
C ALA B 116 -22.39 8.11 24.75
N LEU B 117 -22.09 7.76 23.51
CA LEU B 117 -21.97 8.71 22.42
C LEU B 117 -23.29 9.17 21.81
N THR B 118 -24.40 8.50 22.12
CA THR B 118 -25.69 8.78 21.45
C THR B 118 -25.53 8.66 19.92
N GLN B 119 -24.85 7.59 19.49
CA GLN B 119 -24.68 7.28 18.09
C GLN B 119 -24.97 5.79 17.94
N ALA B 120 -25.56 5.41 16.81
CA ALA B 120 -26.00 4.03 16.60
C ALA B 120 -24.90 3.12 16.07
N TYR B 121 -23.78 3.70 15.65
CA TYR B 121 -22.66 2.96 15.06
C TYR B 121 -21.35 3.59 15.49
N LEU B 122 -20.27 2.83 15.34
CA LEU B 122 -18.93 3.24 15.74
C LEU B 122 -17.96 2.90 14.64
N VAL B 123 -16.99 3.78 14.41
CA VAL B 123 -15.82 3.45 13.63
C VAL B 123 -14.60 3.75 14.50
N LYS B 124 -13.82 2.72 14.81
CA LYS B 124 -12.53 2.88 15.49
C LYS B 124 -11.46 2.96 14.42
N GLU B 125 -10.58 3.96 14.48
CA GLU B 125 -9.51 4.12 13.49
C GLU B 125 -8.16 4.18 14.16
N TYR B 126 -7.19 3.46 13.58
CA TYR B 126 -5.83 3.35 14.12
C TYR B 126 -4.84 3.55 13.00
N SER B 127 -3.69 4.12 13.35
CA SER B 127 -2.54 4.19 12.43
C SER B 127 -1.47 3.30 13.01
N LEU B 128 -1.21 2.18 12.34
CA LEU B 128 -0.28 1.17 12.82
C LEU B 128 1.11 1.34 12.23
N ALA B 129 2.12 1.40 13.08
CA ALA B 129 3.49 1.52 12.61
C ALA B 129 3.91 0.29 11.78
N PRO B 130 4.90 0.45 10.91
CA PRO B 130 5.38 -0.74 10.20
C PRO B 130 5.77 -1.89 11.13
N THR B 131 5.34 -3.11 10.82
CA THR B 131 5.70 -4.27 11.64
C THR B 131 6.60 -5.27 10.92
N ASP B 132 7.07 -4.92 9.72
CA ASP B 132 8.05 -5.73 9.00
C ASP B 132 7.53 -7.14 8.69
N LYS B 133 6.22 -7.25 8.48
CA LYS B 133 5.56 -8.53 8.21
C LYS B 133 4.63 -8.31 7.03
N ASP B 134 4.50 -9.31 6.16
CA ASP B 134 3.60 -9.10 5.00
C ASP B 134 2.16 -9.56 5.22
N VAL B 135 1.82 -9.88 6.47
CA VAL B 135 0.46 -10.15 6.88
C VAL B 135 0.14 -9.32 8.13
N LEU B 136 -1.02 -8.69 8.11
CA LEU B 136 -1.60 -8.03 9.26
C LEU B 136 -2.58 -9.05 9.85
N SER B 137 -2.26 -9.57 11.02
CA SER B 137 -3.12 -10.53 11.73
C SER B 137 -4.01 -9.78 12.71
N ILE B 138 -5.29 -9.78 12.45
CA ILE B 138 -6.26 -9.07 13.29
C ILE B 138 -7.03 -10.14 14.07
N LYS B 139 -6.76 -10.23 15.36
CA LYS B 139 -7.34 -11.27 16.22
C LYS B 139 -8.44 -10.69 17.11
N PHE B 140 -9.62 -11.30 17.03
CA PHE B 140 -10.76 -10.99 17.88
C PHE B 140 -10.90 -12.08 18.94
N THR B 141 -10.83 -11.72 20.22
CA THR B 141 -10.87 -12.68 21.32
C THR B 141 -12.03 -12.34 22.24
N PRO B 142 -13.08 -13.18 22.28
CA PRO B 142 -14.13 -12.97 23.27
C PRO B 142 -13.58 -12.97 24.69
N SER B 143 -14.19 -12.17 25.56
CA SER B 143 -13.75 -12.05 26.94
C SER B 143 -13.67 -13.42 27.62
N ASP B 144 -12.54 -13.72 28.26
CA ASP B 144 -12.40 -14.94 29.06
C ASP B 144 -12.96 -14.77 30.49
N LYS B 145 -13.54 -13.60 30.78
CA LYS B 145 -14.18 -13.31 32.08
C LYS B 145 -15.66 -13.68 32.09
N TYR B 146 -16.30 -13.65 30.93
CA TYR B 146 -17.74 -13.85 30.82
C TYR B 146 -17.97 -15.04 29.89
N ARG B 147 -18.65 -16.07 30.41
CA ARG B 147 -18.84 -17.34 29.68
C ARG B 147 -19.69 -17.13 28.42
N ASP B 148 -20.60 -16.16 28.49
CA ASP B 148 -21.52 -15.78 27.40
C ASP B 148 -21.00 -14.67 26.44
N ALA B 149 -19.76 -14.24 26.61
CA ALA B 149 -19.26 -13.16 25.75
C ALA B 149 -18.97 -13.70 24.36
N PHE B 150 -19.29 -12.87 23.36
CA PHE B 150 -18.90 -13.11 21.97
C PHE B 150 -18.30 -11.82 21.42
N ALA B 151 -17.50 -11.97 20.37
CA ALA B 151 -16.97 -10.83 19.62
C ALA B 151 -17.79 -10.66 18.35
N PHE B 152 -17.83 -9.45 17.81
CA PHE B 152 -18.46 -9.24 16.50
C PHE B 152 -17.78 -8.11 15.76
N ILE B 153 -18.01 -8.03 14.46
CA ILE B 153 -17.40 -7.01 13.62
C ILE B 153 -18.29 -6.81 12.40
N ASN B 154 -18.46 -5.58 11.95
CA ASN B 154 -19.29 -5.29 10.76
C ASN B 154 -18.48 -4.93 9.53
N GLY B 155 -17.34 -4.27 9.71
CA GLY B 155 -16.47 -3.89 8.59
C GLY B 155 -15.05 -3.71 9.06
N ILE B 156 -14.11 -3.96 8.14
CA ILE B 156 -12.68 -3.74 8.38
C ILE B 156 -12.11 -3.06 7.15
N GLU B 157 -11.35 -1.98 7.36
CA GLU B 157 -10.57 -1.39 6.28
C GLU B 157 -9.10 -1.38 6.67
N VAL B 158 -8.26 -1.65 5.68
CA VAL B 158 -6.81 -1.57 5.81
C VAL B 158 -6.34 -0.76 4.62
N ILE B 159 -5.66 0.35 4.94
CA ILE B 159 -5.30 1.37 3.94
C ILE B 159 -3.86 1.77 4.18
N GLN B 160 -3.02 1.56 3.18
CA GLN B 160 -1.63 1.97 3.29
C GLN B 160 -1.58 3.49 3.42
N MET B 161 -0.74 4.01 4.32
CA MET B 161 -0.59 5.46 4.43
C MET B 161 0.88 5.86 4.52
N PRO B 162 1.18 7.13 4.19
CA PRO B 162 2.56 7.60 4.35
C PRO B 162 2.96 7.80 5.81
N GLU B 163 4.26 8.02 6.04
CA GLU B 163 4.76 8.28 7.40
C GLU B 163 4.49 9.73 7.75
N LEU B 164 3.25 10.00 8.16
CA LEU B 164 2.78 11.36 8.39
C LEU B 164 3.02 11.87 9.81
N PHE B 165 3.68 11.09 10.65
CA PHE B 165 3.98 11.44 12.03
C PHE B 165 5.49 11.53 12.21
N ASP B 166 5.93 12.55 12.92
CA ASP B 166 7.33 12.72 13.27
C ASP B 166 7.31 13.24 14.73
N THR B 167 7.92 14.36 15.04
CA THR B 167 8.06 14.76 16.43
C THR B 167 6.86 15.58 16.87
N ALA B 168 6.61 15.58 18.18
CA ALA B 168 5.63 16.48 18.79
C ALA B 168 6.28 17.23 19.95
N ALA B 169 5.96 18.51 20.09
CA ALA B 169 6.45 19.37 21.18
C ALA B 169 5.70 19.04 22.46
N LEU B 170 6.42 18.82 23.56
CA LEU B 170 5.79 18.47 24.84
C LEU B 170 5.16 19.71 25.47
N VAL B 171 3.86 19.63 25.75
CA VAL B 171 3.10 20.72 26.35
C VAL B 171 3.63 21.03 27.76
N GLY B 172 3.80 22.32 28.06
CA GLY B 172 4.17 22.79 29.39
C GLY B 172 5.65 22.67 29.72
N PHE B 173 6.47 22.22 28.78
CA PHE B 173 7.91 22.06 29.01
C PHE B 173 8.70 22.82 27.95
N THR B 174 9.85 23.36 28.36
CA THR B 174 10.68 24.24 27.50
C THR B 174 11.48 23.42 26.49
N ASP B 175 11.04 23.47 25.22
CA ASP B 175 11.75 22.87 24.06
C ASP B 175 11.88 21.33 24.03
N GLN B 176 11.12 20.62 24.88
CA GLN B 176 11.17 19.15 24.88
C GLN B 176 10.29 18.62 23.74
N THR B 177 10.70 17.47 23.21
CA THR B 177 10.16 16.93 21.97
C THR B 177 10.12 15.42 22.11
N MET B 178 9.15 14.78 21.46
CA MET B 178 9.12 13.32 21.42
C MET B 178 8.80 12.79 20.04
N ASP B 179 9.35 11.62 19.74
CA ASP B 179 9.22 10.97 18.45
C ASP B 179 7.91 10.19 18.38
N ALA B 180 7.15 10.41 17.31
CA ALA B 180 5.94 9.61 17.03
C ALA B 180 6.09 8.71 15.79
N LYS B 181 7.28 8.71 15.20
CA LYS B 181 7.55 8.04 13.94
C LYS B 181 7.24 6.54 13.97
N THR B 182 7.52 5.88 15.09
CA THR B 182 7.27 4.44 15.23
C THR B 182 6.07 4.12 16.15
N ALA B 183 5.27 5.15 16.45
CA ALA B 183 4.14 4.98 17.36
C ALA B 183 2.96 4.35 16.66
N ASN B 184 2.20 3.61 17.43
CA ASN B 184 0.89 3.19 17.03
C ASN B 184 -0.11 4.17 17.59
N LEU B 185 -1.04 4.64 16.77
CA LEU B 185 -1.94 5.70 17.15
C LEU B 185 -3.38 5.29 17.00
N GLN B 186 -4.23 5.82 17.87
CA GLN B 186 -5.65 5.78 17.67
C GLN B 186 -6.14 7.16 17.33
N SER B 187 -6.88 7.29 16.24
CA SER B 187 -7.54 8.55 15.90
C SER B 187 -8.71 8.80 16.83
N MET B 188 -8.64 9.88 17.61
CA MET B 188 -9.70 10.20 18.58
CA MET B 188 -9.69 10.19 18.58
C MET B 188 -10.72 11.15 18.00
N PHE B 189 -10.23 12.23 17.38
CA PHE B 189 -11.08 13.27 16.81
C PHE B 189 -10.39 13.80 15.57
N ARG B 190 -11.18 14.22 14.59
CA ARG B 190 -10.61 14.78 13.37
C ARG B 190 -11.59 15.80 12.87
N LEU B 191 -11.18 17.08 12.99
CA LEU B 191 -12.10 18.20 12.77
C LEU B 191 -11.67 19.15 11.68
N ASN B 192 -12.65 19.56 10.88
CA ASN B 192 -12.51 20.73 10.03
C ASN B 192 -12.99 21.92 10.84
N VAL B 193 -12.05 22.70 11.36
CA VAL B 193 -12.40 23.80 12.27
C VAL B 193 -12.94 24.95 11.43
N GLY B 194 -14.15 25.39 11.78
CA GLY B 194 -14.85 26.45 11.08
C GLY B 194 -15.47 26.09 9.75
N GLY B 195 -15.46 24.81 9.38
CA GLY B 195 -15.91 24.38 8.07
C GLY B 195 -16.87 23.21 8.12
N GLN B 196 -17.42 22.88 6.97
CA GLN B 196 -18.40 21.79 6.88
C GLN B 196 -17.71 20.42 6.94
N ASP B 197 -18.49 19.40 7.29
CA ASP B 197 -17.98 18.03 7.25
C ASP B 197 -17.38 17.75 5.86
N ILE B 198 -16.23 17.07 5.87
N ILE B 198 -16.25 17.04 5.85
CA ILE B 198 -15.59 16.56 4.66
CA ILE B 198 -15.62 16.59 4.61
C ILE B 198 -15.79 15.05 4.65
C ILE B 198 -15.72 15.06 4.59
N PRO B 199 -16.53 14.51 3.67
CA PRO B 199 -16.67 13.04 3.57
C PRO B 199 -15.38 12.40 3.08
N GLY B 200 -15.20 11.10 3.33
CA GLY B 200 -13.99 10.39 2.88
C GLY B 200 -13.68 10.52 1.40
N SER B 201 -14.72 10.59 0.55
CA SER B 201 -14.54 10.75 -0.87
C SER B 201 -13.83 12.02 -1.26
N GLN B 202 -13.88 13.04 -0.38
CA GLN B 202 -13.23 14.33 -0.61
CA GLN B 202 -13.22 14.32 -0.62
C GLN B 202 -11.90 14.48 0.15
N ASP B 203 -11.48 13.43 0.85
CA ASP B 203 -10.22 13.44 1.57
C ASP B 203 -9.04 13.38 0.60
N SER B 204 -7.88 13.82 1.07
CA SER B 204 -6.66 13.75 0.29
C SER B 204 -5.92 12.43 0.49
N GLY B 205 -4.99 12.18 -0.43
CA GLY B 205 -4.10 11.04 -0.29
C GLY B 205 -4.75 9.68 -0.48
N GLY B 206 -6.00 9.68 -0.94
CA GLY B 206 -6.81 8.47 -1.02
C GLY B 206 -7.06 7.79 0.31
N LEU B 207 -7.00 8.55 1.41
CA LEU B 207 -7.06 7.96 2.74
C LEU B 207 -8.50 7.84 3.30
N THR B 208 -9.46 8.45 2.59
CA THR B 208 -10.89 8.44 2.94
C THR B 208 -11.24 8.70 4.41
N ARG B 209 -10.47 9.60 5.02
CA ARG B 209 -10.75 10.11 6.35
C ARG B 209 -11.90 11.07 6.28
N THR B 210 -12.74 11.05 7.30
CA THR B 210 -13.83 12.01 7.45
C THR B 210 -13.36 13.13 8.38
N TRP B 211 -13.63 14.37 8.02
CA TRP B 211 -13.25 15.53 8.86
C TRP B 211 -14.54 16.20 9.27
N TYR B 212 -14.76 16.36 10.58
CA TYR B 212 -16.05 16.80 11.10
C TYR B 212 -16.03 18.26 11.52
N ASN B 213 -17.14 18.96 11.32
CA ASN B 213 -17.25 20.32 11.84
C ASN B 213 -16.98 20.31 13.36
N ASP B 214 -16.32 21.37 13.84
CA ASP B 214 -15.88 21.43 15.24
C ASP B 214 -16.87 21.99 16.23
N ALA B 215 -17.97 22.59 15.76
CA ALA B 215 -18.91 23.29 16.66
C ALA B 215 -19.36 22.47 17.87
N PRO B 216 -19.62 21.16 17.71
CA PRO B 216 -20.08 20.43 18.90
C PRO B 216 -19.09 20.31 20.05
N TYR B 217 -17.81 20.62 19.79
CA TYR B 217 -16.74 20.55 20.79
C TYR B 217 -16.36 21.89 21.43
N ILE B 218 -17.05 22.96 21.06
CA ILE B 218 -16.76 24.29 21.62
CA ILE B 218 -16.75 24.27 21.62
C ILE B 218 -17.33 24.35 23.03
N PHE B 219 -16.47 24.66 24.01
CA PHE B 219 -16.81 24.73 25.41
C PHE B 219 -16.96 26.18 25.88
N SER B 220 -16.25 27.11 25.24
CA SER B 220 -16.34 28.52 25.61
C SER B 220 -17.75 29.04 25.30
N ALA B 221 -18.18 30.03 26.07
CA ALA B 221 -19.51 30.65 25.87
C ALA B 221 -19.62 31.20 24.44
N GLY B 222 -18.54 31.85 23.99
CA GLY B 222 -18.45 32.33 22.62
C GLY B 222 -18.05 31.23 21.62
N LEU B 223 -18.85 31.10 20.56
CA LEU B 223 -18.54 30.25 19.40
C LEU B 223 -17.48 30.88 18.46
N GLY B 224 -17.08 32.12 18.71
CA GLY B 224 -16.13 32.80 17.85
C GLY B 224 -16.75 33.15 16.51
N VAL B 225 -15.90 33.33 15.52
CA VAL B 225 -16.31 33.80 14.21
C VAL B 225 -15.66 32.89 13.18
N THR B 226 -16.47 32.25 12.35
CA THR B 226 -15.91 31.38 11.33
C THR B 226 -15.51 32.22 10.14
N LEU B 227 -14.41 31.81 9.51
CA LEU B 227 -13.81 32.50 8.36
C LEU B 227 -13.76 31.54 7.17
N GLN B 228 -13.95 32.09 5.98
CA GLN B 228 -13.90 31.33 4.74
C GLN B 228 -12.99 32.08 3.75
N ALA B 229 -12.04 31.35 3.14
CA ALA B 229 -11.19 31.93 2.11
C ALA B 229 -12.00 32.37 0.90
N SER B 230 -11.52 33.37 0.20
CA SER B 230 -12.15 33.88 -1.05
C SER B 230 -12.27 32.76 -2.10
N ASN B 231 -13.13 32.97 -3.09
CA ASN B 231 -13.40 31.96 -4.11
CA ASN B 231 -13.38 31.93 -4.08
C ASN B 231 -12.10 31.56 -4.84
N ASN B 232 -11.88 30.26 -4.96
CA ASN B 232 -10.69 29.70 -5.63
C ASN B 232 -9.37 30.17 -5.01
N PHE B 233 -9.40 30.53 -3.74
CA PHE B 233 -8.18 30.80 -2.99
C PHE B 233 -7.27 29.57 -3.09
N ARG B 234 -5.99 29.82 -3.34
CA ARG B 234 -5.04 28.77 -3.63
C ARG B 234 -4.27 28.35 -2.37
N ILE B 235 -4.39 27.09 -2.00
CA ILE B 235 -3.62 26.54 -0.90
C ILE B 235 -2.33 26.04 -1.52
N ASN B 236 -1.23 26.68 -1.14
CA ASN B 236 0.10 26.40 -1.70
CA ASN B 236 0.10 26.37 -1.69
C ASN B 236 0.88 25.46 -0.78
N TYR B 237 0.74 24.15 -1.01
CA TYR B 237 1.32 23.13 -0.14
C TYR B 237 2.85 23.15 -0.07
N GLN B 238 3.50 23.62 -1.15
CA GLN B 238 4.95 23.63 -1.24
C GLN B 238 5.45 22.20 -0.98
N ASN B 239 6.24 21.96 0.06
CA ASN B 239 6.78 20.63 0.30
C ASN B 239 5.95 19.78 1.28
N MET B 240 4.85 20.32 1.79
CA MET B 240 4.00 19.54 2.68
C MET B 240 3.23 18.49 1.86
N PRO B 241 3.31 17.21 2.25
CA PRO B 241 2.53 16.20 1.52
C PRO B 241 1.04 16.51 1.51
N VAL B 242 0.39 16.38 0.36
CA VAL B 242 -1.05 16.65 0.26
CA VAL B 242 -1.06 16.62 0.26
C VAL B 242 -1.87 15.69 1.14
N SER B 243 -1.32 14.49 1.43
CA SER B 243 -1.95 13.51 2.33
CA SER B 243 -1.99 13.53 2.32
C SER B 243 -2.16 14.02 3.76
N ILE B 244 -1.42 15.03 4.17
CA ILE B 244 -1.60 15.56 5.53
C ILE B 244 -3.07 15.96 5.80
N ALA B 245 -3.67 16.68 4.84
CA ALA B 245 -5.05 17.14 4.97
C ALA B 245 -5.49 17.73 3.64
N PRO B 246 -6.78 17.59 3.29
CA PRO B 246 -7.24 18.16 2.04
C PRO B 246 -7.35 19.68 2.06
N ALA B 247 -7.28 20.31 0.89
CA ALA B 247 -7.21 21.75 0.78
C ALA B 247 -8.35 22.42 1.50
N ASP B 248 -9.55 21.84 1.48
CA ASP B 248 -10.70 22.49 2.09
C ASP B 248 -10.59 22.73 3.60
N ILE B 249 -9.86 21.88 4.32
CA ILE B 249 -9.56 22.12 5.73
C ILE B 249 -8.92 23.50 5.88
N TYR B 250 -7.97 23.81 5.01
CA TYR B 250 -7.20 25.07 5.13
C TYR B 250 -7.94 26.29 4.64
N LYS B 251 -9.02 26.13 3.89
CA LYS B 251 -9.81 27.24 3.38
C LYS B 251 -10.89 27.75 4.35
N THR B 252 -11.00 27.13 5.52
CA THR B 252 -11.88 27.64 6.57
C THR B 252 -11.17 27.62 7.90
N ALA B 253 -11.61 28.48 8.80
CA ALA B 253 -11.05 28.53 10.14
C ALA B 253 -12.09 29.03 11.11
N ARG B 254 -11.83 28.80 12.40
CA ARG B 254 -12.56 29.49 13.46
C ARG B 254 -11.59 30.47 14.12
N SER B 255 -12.08 31.67 14.38
CA SER B 255 -11.30 32.73 15.04
C SER B 255 -12.11 33.25 16.21
N GLN B 256 -11.49 34.11 17.03
CA GLN B 256 -12.23 34.74 18.11
C GLN B 256 -13.15 35.85 17.58
N GLY B 257 -12.64 36.65 16.64
CA GLY B 257 -13.47 37.70 16.04
C GLY B 257 -12.78 39.04 15.91
N PRO B 258 -13.53 40.06 15.45
CA PRO B 258 -12.95 41.36 15.12
C PRO B 258 -12.72 42.28 16.31
N ASN B 259 -13.21 41.95 17.50
CA ASN B 259 -13.13 42.83 18.67
C ASN B 259 -11.98 42.41 19.58
N GLY B 260 -10.81 43.01 19.35
CA GLY B 260 -9.59 42.60 20.03
C GLY B 260 -9.64 42.78 21.54
N ASP B 261 -10.34 43.82 21.99
CA ASP B 261 -10.54 44.05 23.42
C ASP B 261 -11.33 42.92 24.09
N ILE B 262 -12.36 42.41 23.42
CA ILE B 262 -13.15 41.29 23.94
C ILE B 262 -12.33 40.02 23.88
N ASN B 263 -11.60 39.84 22.76
CA ASN B 263 -10.76 38.64 22.56
C ASN B 263 -9.69 38.50 23.63
N LEU B 264 -9.12 39.62 24.06
CA LEU B 264 -8.12 39.58 25.15
C LEU B 264 -8.66 39.09 26.49
N LYS B 265 -9.98 39.15 26.67
CA LYS B 265 -10.66 38.78 27.93
C LYS B 265 -11.18 37.35 27.96
N SER B 266 -10.93 36.56 26.91
CA SER B 266 -11.40 35.17 26.91
C SER B 266 -10.51 34.26 26.09
N ASN B 267 -10.73 32.96 26.29
CA ASN B 267 -10.12 31.95 25.46
C ASN B 267 -11.22 31.33 24.59
N LEU B 268 -10.91 31.12 23.33
CA LEU B 268 -11.69 30.19 22.50
C LEU B 268 -11.29 28.79 22.95
N THR B 269 -12.27 27.98 23.33
CA THR B 269 -12.00 26.74 24.06
C THR B 269 -12.76 25.56 23.47
N TRP B 270 -12.04 24.49 23.18
CA TRP B 270 -12.63 23.19 22.79
C TRP B 270 -12.35 22.19 23.89
N MET B 271 -13.26 21.23 24.10
CA MET B 271 -13.05 20.17 25.08
C MET B 271 -13.42 18.83 24.47
N PHE B 272 -12.64 17.82 24.84
CA PHE B 272 -12.76 16.47 24.29
C PHE B 272 -12.68 15.45 25.39
N GLN B 273 -13.56 14.46 25.30
CA GLN B 273 -13.52 13.31 26.20
C GLN B 273 -12.58 12.24 25.63
N ILE B 274 -11.59 11.84 26.42
CA ILE B 274 -10.60 10.85 26.01
C ILE B 274 -10.40 9.81 27.12
N ASP B 275 -9.46 8.89 26.92
CA ASP B 275 -9.12 7.89 27.92
C ASP B 275 -7.93 8.32 28.77
N LYS B 276 -8.06 8.20 30.09
CA LYS B 276 -6.99 8.54 31.01
C LYS B 276 -5.77 7.62 30.83
N ASN B 277 -4.61 8.14 31.21
CA ASN B 277 -3.34 7.41 31.22
C ASN B 277 -2.79 7.09 29.85
N PHE B 278 -2.88 8.03 28.93
CA PHE B 278 -2.23 7.91 27.64
C PHE B 278 -1.61 9.25 27.31
N THR B 279 -0.55 9.22 26.51
CA THR B 279 -0.06 10.42 25.83
C THR B 279 -0.89 10.64 24.58
N TYR B 280 -1.33 11.88 24.38
CA TYR B 280 -2.07 12.31 23.18
C TYR B 280 -1.24 13.29 22.37
N ILE B 281 -1.37 13.22 21.06
CA ILE B 281 -0.83 14.23 20.14
C ILE B 281 -2.01 15.00 19.58
N LEU B 282 -1.94 16.32 19.71
CA LEU B 282 -2.87 17.22 19.08
C LEU B 282 -2.14 17.83 17.90
N ARG B 283 -2.72 17.64 16.73
CA ARG B 283 -2.21 18.22 15.50
C ARG B 283 -3.11 19.38 15.12
N LEU B 284 -2.55 20.60 15.22
CA LEU B 284 -3.26 21.82 14.88
C LEU B 284 -2.89 22.23 13.48
N HIS B 285 -3.90 22.37 12.63
CA HIS B 285 -3.72 22.75 11.23
C HIS B 285 -4.00 24.25 11.06
N PHE B 286 -3.10 24.93 10.36
CA PHE B 286 -3.22 26.36 10.17
C PHE B 286 -2.97 26.74 8.71
N CYS B 287 -3.65 27.78 8.28
CA CYS B 287 -3.37 28.43 7.02
C CYS B 287 -3.96 29.82 7.10
N GLU B 288 -3.11 30.83 6.95
CA GLU B 288 -3.57 32.21 6.96
C GLU B 288 -4.08 32.54 5.56
N PHE B 289 -5.36 32.86 5.43
CA PHE B 289 -5.91 33.26 4.11
C PHE B 289 -6.48 34.67 4.06
N GLN B 290 -6.30 35.44 5.13
CA GLN B 290 -6.75 36.85 5.15
C GLN B 290 -5.60 37.84 5.23
N LEU B 291 -4.72 37.62 6.20
CA LEU B 291 -3.60 38.51 6.50
C LEU B 291 -2.37 38.14 5.65
N SER B 292 -1.37 39.02 5.61
CA SER B 292 -0.20 38.82 4.73
C SER B 292 1.18 38.97 5.39
N LYS B 293 1.24 39.49 6.60
CA LYS B 293 2.51 39.82 7.21
C LYS B 293 2.65 39.22 8.59
N ILE B 294 3.90 39.00 8.96
CA ILE B 294 4.27 38.66 10.31
C ILE B 294 3.77 39.73 11.29
N ASN B 295 3.42 39.27 12.50
CA ASN B 295 3.01 40.13 13.61
C ASN B 295 1.67 40.86 13.39
N GLN B 296 0.81 40.30 12.54
CA GLN B 296 -0.55 40.80 12.43
C GLN B 296 -1.47 40.06 13.38
N LYS B 297 -1.37 38.74 13.42
CA LYS B 297 -2.18 37.91 14.32
C LYS B 297 -1.22 37.00 15.07
N VAL B 298 -1.21 37.12 16.39
CA VAL B 298 -0.23 36.49 17.25
C VAL B 298 -0.98 36.06 18.50
N PHE B 299 -0.92 34.76 18.80
CA PHE B 299 -1.80 34.21 19.82
C PHE B 299 -1.15 33.12 20.64
N ASN B 300 -1.65 32.96 21.87
CA ASN B 300 -1.22 31.91 22.78
C ASN B 300 -2.11 30.69 22.59
N ILE B 301 -1.52 29.52 22.75
CA ILE B 301 -2.25 28.24 22.66
C ILE B 301 -1.94 27.48 23.93
N TYR B 302 -3.00 26.98 24.58
CA TYR B 302 -2.85 26.24 25.82
C TYR B 302 -3.56 24.90 25.67
N ILE B 303 -2.94 23.86 26.20
CA ILE B 303 -3.52 22.50 26.21
C ILE B 303 -3.57 22.04 27.65
N ASN B 304 -4.77 21.67 28.13
CA ASN B 304 -5.02 21.31 29.53
C ASN B 304 -4.43 22.32 30.51
N ASN B 305 -4.68 23.60 30.21
CA ASN B 305 -4.21 24.75 31.02
C ASN B 305 -2.68 24.96 31.03
N ARG B 306 -1.95 24.26 30.18
CA ARG B 306 -0.50 24.33 30.11
C ARG B 306 -0.06 24.91 28.78
N THR B 307 1.15 25.45 28.75
CA THR B 307 1.62 26.17 27.58
C THR B 307 1.96 25.25 26.40
N ALA B 308 1.30 25.51 25.27
CA ALA B 308 1.64 24.89 24.00
C ALA B 308 2.47 25.86 23.16
N GLN B 309 1.95 27.07 22.93
CA GLN B 309 2.72 28.19 22.38
C GLN B 309 2.32 29.42 23.11
N ALA B 310 3.25 30.02 23.86
CA ALA B 310 2.93 31.22 24.62
C ALA B 310 4.21 32.01 24.95
N ASP B 311 4.12 32.94 25.90
CA ASP B 311 5.29 33.69 26.37
C ASP B 311 5.96 34.42 25.20
N THR B 312 7.28 34.27 25.02
CA THR B 312 8.01 34.95 23.94
C THR B 312 7.98 34.18 22.63
N THR B 313 7.32 33.01 22.60
CA THR B 313 7.15 32.24 21.36
C THR B 313 5.68 31.88 21.15
N PRO B 314 4.81 32.89 21.03
CA PRO B 314 3.41 32.62 20.67
C PRO B 314 3.27 32.18 19.22
N ALA B 315 2.08 31.72 18.88
CA ALA B 315 1.75 31.33 17.52
C ALA B 315 1.56 32.55 16.61
N ASP B 316 2.15 32.48 15.42
CA ASP B 316 1.95 33.47 14.37
C ASP B 316 2.04 32.67 13.09
N ILE B 317 0.92 32.52 12.40
CA ILE B 317 0.86 31.61 11.25
C ILE B 317 1.80 32.10 10.14
N ILE B 318 1.71 33.37 9.76
CA ILE B 318 2.64 33.94 8.76
C ILE B 318 4.08 33.92 9.28
N GLY B 319 4.26 34.13 10.59
CA GLY B 319 5.58 33.96 11.22
C GLY B 319 6.18 32.60 10.97
N TRP B 320 5.33 31.57 11.00
CA TRP B 320 5.75 30.22 10.74
C TRP B 320 5.94 29.92 9.26
N THR B 321 4.98 30.31 8.42
CA THR B 321 4.96 29.87 7.01
C THR B 321 5.67 30.81 6.06
N GLY B 322 5.83 32.07 6.46
CA GLY B 322 6.38 33.09 5.62
C GLY B 322 5.42 33.76 4.66
N GLU B 323 4.22 33.21 4.45
CA GLU B 323 3.37 33.72 3.38
C GLU B 323 1.92 33.26 3.52
N LYS B 324 1.02 34.19 3.19
CA LYS B 324 -0.41 33.88 3.10
C LYS B 324 -0.64 32.69 2.17
N GLY B 325 -1.54 31.79 2.55
CA GLY B 325 -1.93 30.67 1.69
C GLY B 325 -1.09 29.42 1.79
N ILE B 326 -0.04 29.40 2.60
CA ILE B 326 0.74 28.21 2.84
C ILE B 326 0.15 27.48 4.04
N PRO B 327 -0.20 26.20 3.85
CA PRO B 327 -0.73 25.40 4.96
C PRO B 327 0.40 24.80 5.80
N MET B 328 0.06 24.46 7.04
CA MET B 328 1.01 23.88 7.97
C MET B 328 0.27 23.19 9.09
N TYR B 329 1.02 22.46 9.90
CA TYR B 329 0.48 21.94 11.14
C TYR B 329 1.58 21.96 12.18
N LYS B 330 1.15 21.90 13.43
CA LYS B 330 2.06 21.74 14.56
C LYS B 330 1.51 20.65 15.47
N ASP B 331 2.40 19.79 15.93
CA ASP B 331 2.03 18.67 16.80
C ASP B 331 2.48 18.96 18.22
N TYR B 332 1.57 18.76 19.18
CA TYR B 332 1.82 18.96 20.60
C TYR B 332 1.43 17.67 21.33
N ALA B 333 2.23 17.27 22.31
CA ALA B 333 2.01 16.04 23.04
C ALA B 333 1.78 16.31 24.52
N ILE B 334 0.80 15.62 25.10
CA ILE B 334 0.50 15.70 26.52
C ILE B 334 0.11 14.33 27.09
N TYR B 335 0.71 13.97 28.22
CA TYR B 335 0.29 12.78 28.96
C TYR B 335 -0.85 13.19 29.85
N VAL B 336 -2.02 12.57 29.67
CA VAL B 336 -3.21 12.96 30.43
C VAL B 336 -3.49 11.91 31.51
N ASP B 337 -3.47 12.36 32.77
CA ASP B 337 -3.79 11.50 33.91
C ASP B 337 -4.66 12.28 34.91
N ALA B 338 -4.87 11.70 36.10
CA ALA B 338 -5.60 12.35 37.21
C ALA B 338 -5.18 13.79 37.51
N ASN B 339 -3.88 14.08 37.41
CA ASN B 339 -3.32 15.41 37.75
C ASN B 339 -3.33 16.43 36.61
N ASN B 340 -3.55 15.95 35.39
CA ASN B 340 -3.29 16.73 34.17
C ASN B 340 -4.58 17.01 33.36
N GLY B 341 -5.75 16.68 33.92
CA GLY B 341 -7.02 16.82 33.19
C GLY B 341 -7.96 15.63 33.25
N GLY B 342 -7.49 14.48 33.76
CA GLY B 342 -8.33 13.29 33.95
C GLY B 342 -8.80 12.62 32.68
N GLU B 343 -10.07 12.82 32.34
CA GLU B 343 -10.65 12.22 31.15
C GLU B 343 -10.88 13.24 30.05
N GLU B 344 -10.31 14.43 30.18
CA GLU B 344 -10.57 15.52 29.22
C GLU B 344 -9.30 16.16 28.70
N ILE B 345 -9.35 16.54 27.43
CA ILE B 345 -8.38 17.44 26.81
C ILE B 345 -9.08 18.73 26.52
N THR B 346 -8.44 19.84 26.92
CA THR B 346 -8.92 21.18 26.64
CA THR B 346 -8.94 21.16 26.56
C THR B 346 -7.91 21.86 25.71
N LEU B 347 -8.40 22.51 24.66
CA LEU B 347 -7.57 23.31 23.78
C LEU B 347 -8.07 24.74 23.89
N GLN B 348 -7.17 25.68 24.19
CA GLN B 348 -7.57 27.09 24.37
C GLN B 348 -6.65 28.01 23.60
N MET B 349 -7.24 29.07 23.04
CA MET B 349 -6.54 30.06 22.24
CA MET B 349 -6.41 30.09 22.40
C MET B 349 -6.94 31.46 22.72
N THR B 350 -5.99 32.40 22.81
CA THR B 350 -6.29 33.80 23.18
C THR B 350 -5.17 34.65 22.59
N PRO B 351 -5.43 35.95 22.31
CA PRO B 351 -4.35 36.75 21.71
C PRO B 351 -3.17 36.93 22.65
N SER B 352 -2.00 37.06 22.04
CA SER B 352 -0.76 37.32 22.77
C SER B 352 -0.56 38.82 22.94
N THR B 353 0.03 39.20 24.07
CA THR B 353 0.42 40.60 24.33
C THR B 353 1.95 40.73 24.25
N PHE B 354 2.60 39.82 23.49
CA PHE B 354 4.04 39.92 23.19
C PHE B 354 4.24 40.54 21.80
N GLY B 355 5.09 41.57 21.73
CA GLY B 355 5.53 42.15 20.46
C GLY B 355 4.55 43.06 19.73
N GLN B 356 3.48 43.49 20.42
CA GLN B 356 2.53 44.50 19.91
C GLN B 356 1.97 44.18 18.51
N PRO B 357 1.15 43.12 18.44
CA PRO B 357 0.60 42.71 17.15
C PRO B 357 -0.43 43.70 16.63
N GLU B 358 -0.64 43.71 15.31
CA GLU B 358 -1.61 44.60 14.70
C GLU B 358 -3.04 44.33 15.14
N TYR B 359 -3.37 43.06 15.31
CA TYR B 359 -4.69 42.63 15.75
C TYR B 359 -4.52 41.81 17.01
N TYR B 360 -5.60 41.63 17.75
CA TYR B 360 -5.63 40.73 18.90
C TYR B 360 -6.71 39.69 18.61
N ASP B 361 -6.28 38.57 18.03
CA ASP B 361 -7.18 37.53 17.57
C ASP B 361 -6.41 36.21 17.59
N SER B 362 -7.12 35.12 17.32
CA SER B 362 -6.56 33.78 17.23
CA SER B 362 -6.52 33.81 17.16
C SER B 362 -7.35 33.05 16.18
N SER B 363 -6.76 32.04 15.55
CA SER B 363 -7.51 31.19 14.62
C SER B 363 -6.94 29.79 14.49
N LEU B 364 -7.78 28.88 13.97
CA LEU B 364 -7.40 27.48 13.79
C LEU B 364 -8.21 26.93 12.62
N ASN B 365 -7.55 26.13 11.78
CA ASN B 365 -8.17 25.60 10.56
C ASN B 365 -8.59 24.15 10.62
N GLY B 366 -7.88 23.36 11.41
CA GLY B 366 -8.21 21.94 11.55
C GLY B 366 -7.58 21.39 12.80
N LEU B 367 -8.08 20.25 13.25
CA LEU B 367 -7.56 19.64 14.48
C LEU B 367 -7.70 18.14 14.43
N GLU B 368 -6.62 17.44 14.74
CA GLU B 368 -6.67 15.98 14.90
C GLU B 368 -6.11 15.65 16.25
N ILE B 369 -6.73 14.68 16.92
CA ILE B 369 -6.24 14.24 18.22
C ILE B 369 -5.98 12.75 18.13
N PHE B 370 -4.76 12.35 18.48
CA PHE B 370 -4.31 10.94 18.41
C PHE B 370 -3.86 10.44 19.76
N LYS B 371 -4.27 9.23 20.10
CA LYS B 371 -3.73 8.54 21.26
C LYS B 371 -2.50 7.78 20.85
N MET B 372 -1.40 7.92 21.59
CA MET B 372 -0.20 7.12 21.37
C MET B 372 -0.26 5.84 22.19
N ASP B 373 0.34 4.77 21.68
CA ASP B 373 0.34 3.52 22.40
C ASP B 373 1.29 3.57 23.59
N THR B 374 0.95 2.84 24.62
CA THR B 374 1.83 2.64 25.78
C THR B 374 2.09 1.14 25.85
N MET B 375 3.35 0.73 25.68
CA MET B 375 3.72 -0.69 25.67
C MET B 375 2.83 -1.48 24.71
N LYS B 376 2.66 -0.96 23.50
CA LYS B 376 1.81 -1.55 22.45
C LYS B 376 0.34 -1.74 22.81
N ASN B 377 -0.17 -0.93 23.73
CA ASN B 377 -1.58 -0.94 24.07
C ASN B 377 -2.23 0.41 23.78
N LEU B 378 -3.40 0.37 23.14
CA LEU B 378 -4.26 1.53 22.90
C LEU B 378 -5.65 1.38 23.55
N ALA B 379 -5.91 0.27 24.22
CA ALA B 379 -7.24 0.00 24.74
C ALA B 379 -7.50 0.78 26.02
N GLY B 380 -8.65 1.45 26.06
CA GLY B 380 -9.16 2.11 27.24
C GLY B 380 -10.40 1.42 27.74
N PRO B 381 -10.96 1.91 28.85
CA PRO B 381 -12.19 1.35 29.37
C PRO B 381 -13.39 1.83 28.57
N ASN B 382 -14.54 1.21 28.79
CA ASN B 382 -15.76 1.67 28.16
C ASN B 382 -16.22 2.93 28.89
N PRO B 383 -16.89 3.85 28.18
CA PRO B 383 -17.46 5.05 28.82
C PRO B 383 -18.67 4.71 29.67
N GLU B 384 -19.18 5.69 30.43
CA GLU B 384 -20.14 5.41 31.49
C GLU B 384 -21.61 5.24 31.03
N PRO B 385 -22.26 6.33 30.59
CA PRO B 385 -23.74 6.35 30.64
C PRO B 385 -24.43 5.59 29.49
#